data_6AE7
#
_entry.id   6AE7
#
_cell.length_a   116.892
_cell.length_b   116.892
_cell.length_c   394.996
_cell.angle_alpha   90.000
_cell.angle_beta   90.000
_cell.angle_gamma   90.000
#
_symmetry.space_group_name_H-M   'I 41 2 2'
#
loop_
_entity.id
_entity.type
_entity.pdbx_description
1 polymer 'RdRp catalytic'
2 non-polymer 'ACETATE ION'
#
_entity_poly.entity_id   1
_entity_poly.type   'polypeptide(L)'
_entity_poly.pdbx_seq_one_letter_code
;MSNWVMQEENKQGNLTPLFEELLQQCPPGGQNKTAHMVSAYQLAQGNWMPTSCHVFMGTISARRTKTHPYEAYVKLRELV
EEHKMKTLCPGSSLGKHNDWIIGKIKYQGNLRTKHMLNPGKVAEQLCREGHRHNVYNKTIGSVMTATGIRLEKLPVVRAQ
TDTTNFHQAIRDKIDKEENLQTPGLHKKLMEVFNALKRPELESSYDAVEWEELERGINRKGAAGFFERKNIGEILDSEKN
KVEEIIDNLKKGRNIKYYETAIPKNEKRDVNDDWTAGDFVDEKKPRVIQYPEAKTRLAITKVMYKWVKQKPVVIPGYEGK
TPLFQIFDKVKKEWDQFQNPVAVSFDTKAWDTQVTTKDLELIKDIQKYYFKKKWHKFIDTLTMHMTEVPVICADGEVYIR
KGQRGSGQPDTSAGNSMLNVLTMVYAFCEATGVPYKSFDRVAKIHVCGDDGFLITERALGEKFASKGVQILYAAGKPQKI
TEGDKMKVAYQFDDIEFCSHTPIQVRWSDNTSSYMPGRNTTTILAKMATRLDSSGERGTIAYEKAVAFSFLLMYSWNPLI
RRICLLVLSTELQVKPGKSTTYYYEGDPISAYKEVIGHNLFDLKRTSFEKLAKLNLSMSVLGAWTRHTSKRLLQDCVNMG
VKEGNWLVNADRLVSSKTGNRYIPGEGHTLQGRGSSSHHHHHH
;
_entity_poly.pdbx_strand_id   A
#
loop_
_chem_comp.id
_chem_comp.type
_chem_comp.name
_chem_comp.formula
ACT non-polymer 'ACETATE ION' 'C2 H3 O2 -1'
#
# COMPACT_ATOMS: atom_id res chain seq x y z
N ASN A 14 28.59 -52.22 -38.19
CA ASN A 14 27.97 -50.90 -38.11
C ASN A 14 27.47 -50.60 -36.71
N LEU A 15 27.02 -49.37 -36.49
CA LEU A 15 26.57 -48.93 -35.18
C LEU A 15 25.14 -48.41 -35.17
N THR A 16 24.45 -48.43 -36.32
CA THR A 16 23.07 -47.94 -36.36
C THR A 16 22.12 -48.68 -35.43
N PRO A 17 22.15 -50.02 -35.31
CA PRO A 17 21.22 -50.67 -34.37
C PRO A 17 21.36 -50.16 -32.94
N LEU A 18 22.52 -49.64 -32.57
CA LEU A 18 22.68 -49.00 -31.28
C LEU A 18 22.34 -47.51 -31.32
N PHE A 19 22.36 -46.90 -32.51
CA PHE A 19 21.96 -45.51 -32.65
C PHE A 19 20.45 -45.35 -32.61
N GLU A 20 19.72 -46.29 -33.22
CA GLU A 20 18.27 -46.29 -33.08
C GLU A 20 17.85 -46.44 -31.62
N GLU A 21 18.70 -47.07 -30.80
CA GLU A 21 18.38 -47.22 -29.37
C GLU A 21 18.31 -45.87 -28.69
N LEU A 22 19.34 -45.04 -28.84
CA LEU A 22 19.38 -43.75 -28.15
C LEU A 22 18.42 -42.74 -28.79
N LEU A 23 18.23 -42.82 -30.11
CA LEU A 23 17.31 -41.91 -30.78
C LEU A 23 15.92 -41.97 -30.16
N GLN A 24 15.44 -43.18 -29.85
CA GLN A 24 14.19 -43.36 -29.13
C GLN A 24 14.40 -43.07 -27.65
N GLN A 25 14.95 -41.89 -27.34
CA GLN A 25 15.21 -41.45 -25.98
C GLN A 25 15.64 -39.99 -26.02
N CYS A 26 16.29 -39.58 -27.10
CA CYS A 26 16.64 -38.17 -27.26
C CYS A 26 15.36 -37.35 -27.35
N PRO A 27 15.31 -36.19 -26.70
CA PRO A 27 14.05 -35.44 -26.56
C PRO A 27 13.56 -34.90 -27.90
N PRO A 28 12.26 -34.67 -28.03
CA PRO A 28 11.72 -34.15 -29.31
C PRO A 28 12.12 -32.70 -29.55
N GLY A 29 11.79 -32.24 -30.75
CA GLY A 29 12.08 -30.86 -31.14
C GLY A 29 11.44 -30.54 -32.48
N GLY A 30 11.44 -29.25 -32.80
CA GLY A 30 10.89 -28.81 -34.07
C GLY A 30 11.83 -29.05 -35.23
N GLN A 31 11.36 -29.73 -36.28
CA GLN A 31 12.16 -30.01 -37.46
C GLN A 31 12.69 -28.72 -38.08
N ASN A 32 13.93 -28.37 -37.77
CA ASN A 32 14.51 -27.10 -38.18
C ASN A 32 15.36 -27.31 -39.42
N LYS A 33 15.03 -26.59 -40.49
CA LYS A 33 15.83 -26.60 -41.71
C LYS A 33 16.92 -25.54 -41.70
N THR A 34 17.09 -24.83 -40.59
CA THR A 34 18.12 -23.80 -40.50
C THR A 34 19.52 -24.38 -40.65
N ALA A 35 19.68 -25.69 -40.47
CA ALA A 35 20.96 -26.37 -40.65
C ALA A 35 20.76 -27.76 -41.23
N HIS A 36 21.66 -28.69 -40.88
CA HIS A 36 21.67 -30.03 -41.45
C HIS A 36 21.02 -31.00 -40.45
N MET A 37 19.91 -31.59 -40.85
CA MET A 37 19.21 -32.60 -40.06
C MET A 37 19.57 -33.98 -40.61
N VAL A 38 20.42 -34.71 -39.88
CA VAL A 38 21.00 -35.95 -40.38
C VAL A 38 20.15 -37.16 -40.00
N SER A 39 20.43 -38.30 -40.62
CA SER A 39 19.56 -39.47 -40.55
C SER A 39 19.77 -40.26 -39.25
N ALA A 40 18.77 -41.08 -38.94
CA ALA A 40 18.88 -42.01 -37.81
C ALA A 40 19.91 -43.10 -38.05
N TYR A 41 20.39 -43.24 -39.28
CA TYR A 41 21.40 -44.23 -39.64
C TYR A 41 22.66 -43.59 -40.20
N GLN A 42 22.55 -42.47 -40.92
CA GLN A 42 23.68 -41.82 -41.54
C GLN A 42 24.58 -41.20 -40.48
N LEU A 43 24.16 -41.29 -39.22
CA LEU A 43 25.05 -40.99 -38.10
C LEU A 43 26.14 -42.04 -37.99
N ALA A 44 25.76 -43.32 -38.04
CA ALA A 44 26.74 -44.41 -38.05
C ALA A 44 27.51 -44.48 -39.36
N GLN A 45 27.10 -43.72 -40.38
CA GLN A 45 27.89 -43.59 -41.59
C GLN A 45 29.27 -43.03 -41.25
N GLY A 46 29.31 -41.84 -40.71
CA GLY A 46 30.55 -41.20 -40.31
C GLY A 46 30.58 -39.73 -40.72
N ASN A 47 31.48 -38.98 -40.08
CA ASN A 47 31.67 -37.56 -40.35
C ASN A 47 30.40 -36.75 -40.10
N TRP A 48 29.48 -37.26 -39.29
CA TRP A 48 28.21 -36.59 -39.00
C TRP A 48 28.03 -36.57 -37.47
N MET A 49 28.77 -35.63 -36.77
CA MET A 49 28.58 -35.57 -35.33
C MET A 49 27.68 -34.40 -34.94
N PRO A 50 26.88 -34.56 -33.89
CA PRO A 50 25.87 -33.54 -33.58
C PRO A 50 26.46 -32.29 -32.96
N THR A 51 25.74 -31.18 -33.13
CA THR A 51 25.94 -29.95 -32.37
C THR A 51 24.69 -29.56 -31.61
N SER A 52 23.65 -30.39 -31.69
CA SER A 52 22.41 -30.25 -30.93
C SER A 52 21.80 -31.64 -30.85
N CYS A 53 20.75 -31.76 -30.03
CA CYS A 53 20.23 -33.08 -29.69
C CYS A 53 18.82 -33.33 -30.17
N HIS A 54 17.91 -32.36 -30.01
CA HIS A 54 16.48 -32.62 -30.13
C HIS A 54 16.13 -33.26 -31.47
N VAL A 55 15.27 -34.30 -31.43
CA VAL A 55 14.95 -35.12 -32.59
C VAL A 55 13.74 -34.55 -33.31
N PHE A 56 13.79 -34.56 -34.64
CA PHE A 56 12.66 -34.19 -35.48
C PHE A 56 12.05 -35.44 -36.11
N MET A 57 11.58 -36.32 -35.24
CA MET A 57 11.13 -37.67 -35.60
C MET A 57 12.24 -38.47 -36.28
N GLY A 58 13.50 -38.15 -35.95
CA GLY A 58 14.61 -38.92 -36.44
C GLY A 58 15.78 -38.15 -37.03
N THR A 59 15.99 -36.90 -36.59
CA THR A 59 17.13 -36.11 -37.05
C THR A 59 17.69 -35.32 -35.88
N ILE A 60 18.97 -34.95 -36.00
CA ILE A 60 19.61 -34.02 -35.08
C ILE A 60 20.43 -33.04 -35.91
N SER A 61 21.23 -32.20 -35.27
CA SER A 61 22.14 -31.33 -35.98
C SER A 61 23.33 -32.16 -36.49
N ALA A 62 24.34 -31.50 -37.03
CA ALA A 62 25.54 -32.15 -37.56
C ALA A 62 26.65 -31.11 -37.62
N ARG A 63 27.77 -31.47 -38.25
CA ARG A 63 28.91 -30.55 -38.32
C ARG A 63 29.85 -30.92 -39.45
N ARG A 64 29.65 -32.09 -40.04
CA ARG A 64 30.52 -32.64 -41.08
C ARG A 64 31.97 -32.71 -40.60
N THR A 65 32.15 -32.94 -39.29
CA THR A 65 33.44 -32.81 -38.62
C THR A 65 34.24 -34.10 -38.61
N LYS A 66 34.08 -34.95 -39.64
CA LYS A 66 34.92 -36.13 -39.84
C LYS A 66 34.90 -37.08 -38.64
N THR A 67 33.82 -37.09 -37.87
CA THR A 67 33.77 -37.92 -36.67
C THR A 67 33.62 -39.39 -37.03
N HIS A 68 34.14 -40.25 -36.15
CA HIS A 68 34.00 -41.69 -36.27
C HIS A 68 32.58 -42.13 -35.91
N PRO A 69 32.13 -43.26 -36.46
CA PRO A 69 30.78 -43.74 -36.12
C PRO A 69 30.55 -43.97 -34.62
N TYR A 70 31.59 -43.97 -33.79
CA TYR A 70 31.43 -44.03 -32.34
C TYR A 70 31.58 -42.65 -31.69
N GLU A 71 32.43 -41.78 -32.23
CA GLU A 71 32.52 -40.41 -31.73
C GLU A 71 31.19 -39.69 -31.81
N ALA A 72 30.30 -40.13 -32.71
CA ALA A 72 28.95 -39.57 -32.76
C ALA A 72 28.16 -39.97 -31.51
N TYR A 73 28.04 -41.28 -31.25
CA TYR A 73 27.34 -41.74 -30.06
C TYR A 73 27.96 -41.17 -28.80
N VAL A 74 29.30 -41.05 -28.79
CA VAL A 74 29.99 -40.50 -27.61
C VAL A 74 29.50 -39.09 -27.32
N LYS A 75 29.40 -38.25 -28.34
CA LYS A 75 28.95 -36.87 -28.14
C LYS A 75 27.46 -36.83 -27.78
N LEU A 76 26.63 -37.51 -28.56
CA LEU A 76 25.18 -37.40 -28.40
C LEU A 76 24.75 -37.81 -26.99
N ARG A 77 25.32 -38.89 -26.47
CA ARG A 77 24.93 -39.37 -25.14
C ARG A 77 25.34 -38.41 -24.04
N GLU A 78 26.29 -37.51 -24.29
CA GLU A 78 26.61 -36.48 -23.31
C GLU A 78 25.57 -35.34 -23.34
N LEU A 79 24.98 -35.08 -24.50
CA LEU A 79 23.90 -34.10 -24.57
C LEU A 79 22.63 -34.64 -23.91
N VAL A 80 22.37 -35.95 -24.06
CA VAL A 80 21.23 -36.56 -23.40
C VAL A 80 21.46 -36.59 -21.89
N GLU A 81 22.71 -36.82 -21.46
CA GLU A 81 23.05 -36.63 -20.06
C GLU A 81 22.93 -35.15 -19.67
N GLU A 82 23.29 -34.26 -20.60
CA GLU A 82 23.19 -32.82 -20.32
C GLU A 82 21.74 -32.36 -20.26
N HIS A 83 20.86 -32.97 -21.06
CA HIS A 83 19.47 -32.56 -21.04
C HIS A 83 18.72 -33.17 -19.87
N LYS A 84 19.01 -34.42 -19.53
CA LYS A 84 18.41 -35.07 -18.37
C LYS A 84 18.94 -34.51 -17.07
N MET A 85 19.68 -33.41 -17.12
CA MET A 85 20.30 -32.81 -15.93
C MET A 85 19.73 -31.42 -15.65
N LYS A 86 19.84 -30.48 -16.59
CA LYS A 86 19.14 -29.21 -16.47
C LYS A 86 17.66 -29.45 -16.22
N THR A 87 17.05 -30.30 -17.04
CA THR A 87 15.72 -30.82 -16.77
C THR A 87 15.81 -32.01 -15.82
N LEU A 88 14.71 -32.28 -15.11
CA LEU A 88 14.62 -33.40 -14.18
C LEU A 88 15.76 -33.41 -13.15
N SER A 92 18.42 -26.34 -9.57
CA SER A 92 18.05 -25.76 -8.29
C SER A 92 17.86 -24.25 -8.40
N SER A 93 17.89 -23.58 -7.25
CA SER A 93 17.96 -22.13 -7.15
C SER A 93 16.69 -21.45 -7.67
N LEU A 94 16.58 -20.14 -7.40
CA LEU A 94 15.50 -19.29 -7.91
C LEU A 94 14.12 -19.87 -7.56
N GLY A 95 13.99 -20.37 -6.34
CA GLY A 95 12.71 -20.90 -5.90
C GLY A 95 12.37 -22.24 -6.51
N LYS A 96 11.41 -22.93 -5.91
CA LYS A 96 10.94 -24.21 -6.42
C LYS A 96 9.74 -24.06 -7.36
N HIS A 97 9.52 -22.87 -7.89
CA HIS A 97 8.35 -22.59 -8.70
C HIS A 97 8.63 -21.41 -9.63
N ASN A 98 9.43 -20.47 -9.13
CA ASN A 98 9.79 -19.27 -9.86
C ASN A 98 10.82 -19.54 -10.96
N ASP A 99 11.16 -20.80 -11.24
CA ASP A 99 12.22 -21.12 -12.20
C ASP A 99 11.92 -20.59 -13.60
N TRP A 100 10.72 -20.08 -13.85
CA TRP A 100 10.37 -19.61 -15.18
C TRP A 100 11.03 -18.28 -15.53
N ILE A 101 11.47 -17.52 -14.52
CA ILE A 101 12.00 -16.19 -14.79
C ILE A 101 13.36 -16.26 -15.48
N ILE A 102 14.02 -17.42 -15.43
CA ILE A 102 15.33 -17.57 -16.07
C ILE A 102 15.23 -17.34 -17.57
N GLY A 103 14.08 -17.64 -18.17
CA GLY A 103 13.92 -17.44 -19.60
C GLY A 103 13.98 -15.98 -20.00
N LYS A 104 13.33 -15.11 -19.21
CA LYS A 104 13.22 -13.70 -19.56
C LYS A 104 14.51 -12.93 -19.33
N ILE A 105 15.58 -13.61 -18.92
CA ILE A 105 16.86 -12.95 -18.70
C ILE A 105 17.61 -12.83 -20.02
N LYS A 106 18.41 -11.78 -20.13
CA LYS A 106 19.33 -11.62 -21.25
C LYS A 106 20.69 -11.06 -20.85
N TYR A 107 20.79 -10.27 -19.78
CA TYR A 107 22.03 -9.67 -19.36
C TYR A 107 22.40 -10.18 -17.97
N GLN A 108 23.69 -10.05 -17.62
CA GLN A 108 24.11 -10.28 -16.25
C GLN A 108 23.69 -9.08 -15.39
N GLY A 109 23.53 -9.34 -14.09
CA GLY A 109 22.91 -8.34 -13.24
C GLY A 109 23.82 -7.58 -12.30
N ASN A 110 23.80 -6.25 -12.39
CA ASN A 110 24.49 -5.38 -11.45
C ASN A 110 23.47 -4.85 -10.45
N LEU A 111 23.41 -5.47 -9.27
CA LEU A 111 22.67 -4.92 -8.15
C LEU A 111 23.43 -4.99 -6.83
N ARG A 112 24.47 -5.83 -6.73
CA ARG A 112 25.36 -5.84 -5.57
C ARG A 112 24.61 -6.15 -4.28
N THR A 113 23.70 -7.12 -4.35
CA THR A 113 22.95 -7.55 -3.17
C THR A 113 23.72 -8.66 -2.46
N LYS A 114 23.78 -8.56 -1.13
CA LYS A 114 24.55 -9.50 -0.32
C LYS A 114 23.69 -10.56 0.35
N HIS A 115 22.37 -10.39 0.40
CA HIS A 115 21.52 -11.28 1.17
C HIS A 115 20.38 -11.92 0.38
N MET A 116 20.28 -11.66 -0.92
CA MET A 116 19.26 -12.32 -1.73
C MET A 116 19.78 -12.47 -3.16
N LEU A 117 19.00 -13.19 -3.97
CA LEU A 117 19.39 -13.50 -5.33
C LEU A 117 19.36 -12.25 -6.20
N ASN A 118 19.97 -12.37 -7.40
CA ASN A 118 20.01 -11.31 -8.39
C ASN A 118 20.50 -11.87 -9.72
N PRO A 119 19.65 -12.58 -10.48
CA PRO A 119 20.12 -13.19 -11.74
C PRO A 119 19.84 -12.37 -12.99
N GLY A 120 20.48 -11.21 -13.10
CA GLY A 120 20.51 -10.50 -14.37
C GLY A 120 19.49 -9.39 -14.51
N LYS A 121 19.18 -9.10 -15.77
CA LYS A 121 18.24 -8.05 -16.14
C LYS A 121 17.48 -8.47 -17.39
N VAL A 122 16.46 -7.69 -17.73
CA VAL A 122 15.62 -7.95 -18.89
C VAL A 122 15.65 -6.70 -19.77
N ALA A 123 15.25 -6.88 -21.03
CA ALA A 123 15.13 -5.74 -21.94
C ALA A 123 14.10 -4.75 -21.41
N GLU A 124 14.55 -3.53 -21.15
CA GLU A 124 13.71 -2.50 -20.53
C GLU A 124 12.57 -2.03 -21.42
N ARG A 132 6.74 12.51 -14.15
CA ARG A 132 5.58 13.02 -13.43
C ARG A 132 5.97 14.19 -12.52
N HIS A 133 6.06 15.39 -13.09
CA HIS A 133 6.40 16.56 -12.30
C HIS A 133 5.15 17.10 -11.60
N ASN A 134 5.35 17.63 -10.39
CA ASN A 134 4.27 18.17 -9.59
C ASN A 134 4.17 19.69 -9.82
N VAL A 135 2.94 20.16 -10.03
CA VAL A 135 2.69 21.52 -10.49
C VAL A 135 1.78 22.23 -9.47
N TYR A 136 1.83 23.57 -9.48
CA TYR A 136 1.07 24.39 -8.55
C TYR A 136 -0.40 24.47 -8.96
N ASN A 137 -1.27 24.58 -7.96
CA ASN A 137 -2.68 24.82 -8.19
C ASN A 137 -2.91 26.30 -8.48
N LYS A 138 -3.47 26.61 -9.65
CA LYS A 138 -3.58 28.00 -10.08
C LYS A 138 -4.40 28.82 -9.10
N THR A 139 -5.64 28.39 -8.83
CA THR A 139 -6.53 29.18 -7.99
C THR A 139 -6.08 29.14 -6.53
N ILE A 140 -5.80 27.95 -6.01
CA ILE A 140 -5.51 27.81 -4.59
C ILE A 140 -4.19 28.48 -4.25
N GLY A 141 -3.20 28.39 -5.15
CA GLY A 141 -1.92 29.01 -4.89
C GLY A 141 -1.99 30.53 -4.89
N SER A 142 -2.67 31.09 -5.90
CA SER A 142 -2.83 32.53 -5.98
C SER A 142 -3.51 33.10 -4.74
N VAL A 143 -4.47 32.35 -4.17
CA VAL A 143 -5.14 32.79 -2.96
C VAL A 143 -4.14 32.93 -1.82
N MET A 144 -3.23 31.96 -1.70
CA MET A 144 -2.29 31.97 -0.59
C MET A 144 -1.32 33.14 -0.69
N THR A 145 -0.73 33.33 -1.87
CA THR A 145 0.24 34.41 -2.05
C THR A 145 -0.39 35.78 -1.80
N ALA A 146 -1.70 35.91 -2.05
CA ALA A 146 -2.37 37.19 -1.85
C ALA A 146 -2.40 37.60 -0.38
N THR A 147 -2.30 36.64 0.55
CA THR A 147 -2.37 36.95 1.97
C THR A 147 -1.00 37.07 2.63
N GLY A 148 0.08 36.70 1.94
CA GLY A 148 1.40 36.75 2.51
C GLY A 148 2.07 35.41 2.70
N ILE A 149 1.43 34.32 2.30
CA ILE A 149 2.03 32.99 2.45
C ILE A 149 3.09 32.80 1.38
N ARG A 150 4.34 32.66 1.81
CA ARG A 150 5.44 32.43 0.89
C ARG A 150 5.51 30.95 0.54
N LEU A 151 5.12 30.61 -0.69
CA LEU A 151 5.16 29.22 -1.13
C LEU A 151 6.58 28.72 -1.28
N GLU A 152 7.55 29.62 -1.50
CA GLU A 152 8.94 29.23 -1.56
C GLU A 152 9.40 28.63 -0.24
N LYS A 153 8.92 29.18 0.88
CA LYS A 153 9.30 28.72 2.21
C LYS A 153 8.43 27.57 2.72
N LEU A 154 7.86 26.77 1.81
CA LEU A 154 6.96 25.72 2.21
C LEU A 154 7.52 24.36 1.81
N PRO A 155 7.35 23.34 2.65
CA PRO A 155 7.93 22.02 2.36
C PRO A 155 7.51 21.49 1.00
N VAL A 156 8.46 20.93 0.27
CA VAL A 156 8.17 20.18 -0.94
C VAL A 156 7.67 18.80 -0.54
N VAL A 157 6.58 18.34 -1.18
CA VAL A 157 5.88 17.16 -0.70
C VAL A 157 5.64 16.14 -1.81
N ARG A 158 6.54 16.07 -2.81
CA ARG A 158 6.34 15.16 -3.93
C ARG A 158 7.64 14.88 -4.67
N ALA A 159 8.78 14.99 -3.99
CA ALA A 159 10.07 14.79 -4.63
C ALA A 159 10.25 13.34 -5.07
N GLN A 160 10.89 13.15 -6.22
CA GLN A 160 11.15 11.82 -6.76
C GLN A 160 12.54 11.36 -6.34
N THR A 161 13.14 10.41 -7.05
CA THR A 161 14.43 9.89 -6.61
C THR A 161 15.19 9.31 -7.80
N ASP A 162 16.52 9.45 -7.75
CA ASP A 162 17.39 8.96 -8.82
C ASP A 162 17.46 7.43 -8.80
N THR A 163 17.78 6.85 -9.96
CA THR A 163 17.94 5.40 -10.05
C THR A 163 19.19 4.92 -9.31
N THR A 164 20.26 5.72 -9.34
CA THR A 164 21.42 5.43 -8.50
C THR A 164 21.03 5.45 -7.03
N ASN A 165 20.23 6.43 -6.63
CA ASN A 165 19.66 6.43 -5.29
C ASN A 165 18.65 5.31 -5.11
N PHE A 166 17.97 4.92 -6.19
CA PHE A 166 16.97 3.85 -6.11
C PHE A 166 17.61 2.49 -5.92
N HIS A 167 18.71 2.22 -6.63
CA HIS A 167 19.40 0.94 -6.47
C HIS A 167 19.89 0.77 -5.03
N GLN A 168 20.46 1.83 -4.45
CA GLN A 168 20.89 1.76 -3.06
C GLN A 168 19.71 1.57 -2.12
N ALA A 169 18.53 2.04 -2.51
CA ALA A 169 17.36 1.87 -1.65
C ALA A 169 17.00 0.40 -1.48
N ILE A 170 17.23 -0.40 -2.53
CA ILE A 170 16.95 -1.84 -2.43
C ILE A 170 17.96 -2.52 -1.52
N ARG A 171 19.24 -2.16 -1.65
CA ARG A 171 20.27 -2.74 -0.78
C ARG A 171 20.13 -2.26 0.65
N ASP A 172 19.66 -1.03 0.86
CA ASP A 172 19.56 -0.51 2.21
C ASP A 172 18.35 -1.05 2.95
N LYS A 173 17.28 -1.45 2.24
CA LYS A 173 16.01 -1.71 2.91
C LYS A 173 15.41 -3.08 2.61
N ILE A 174 15.60 -3.59 1.39
CA ILE A 174 14.86 -4.74 0.91
C ILE A 174 15.65 -6.03 1.04
N ASP A 175 16.94 -6.04 0.69
CA ASP A 175 17.72 -7.29 0.67
C ASP A 175 18.17 -7.59 2.10
N LYS A 176 17.54 -8.60 2.71
CA LYS A 176 17.85 -8.99 4.07
C LYS A 176 17.25 -10.36 4.33
N GLU A 177 17.88 -11.10 5.23
CA GLU A 177 17.33 -12.37 5.65
C GLU A 177 16.17 -12.11 6.61
N GLU A 178 15.15 -12.96 6.52
CA GLU A 178 13.97 -12.82 7.37
C GLU A 178 14.38 -12.74 8.83
N ASN A 179 13.77 -11.79 9.55
CA ASN A 179 14.15 -11.56 10.94
C ASN A 179 13.87 -12.79 11.78
N LEU A 180 14.49 -12.83 12.96
CA LEU A 180 14.48 -14.04 13.79
C LEU A 180 13.24 -14.00 14.68
N GLN A 181 12.15 -14.59 14.20
CA GLN A 181 10.95 -14.75 15.00
C GLN A 181 11.15 -15.90 15.98
N THR A 182 11.05 -15.59 17.28
CA THR A 182 11.28 -16.49 18.40
C THR A 182 10.59 -17.84 18.22
N PRO A 183 11.21 -18.93 18.69
CA PRO A 183 10.57 -20.25 18.63
C PRO A 183 9.12 -20.26 19.12
N GLY A 184 8.25 -21.00 18.44
CA GLY A 184 6.88 -21.17 18.88
C GLY A 184 6.09 -19.88 19.00
N LEU A 185 6.50 -18.83 18.29
CA LEU A 185 5.79 -17.56 18.38
C LEU A 185 4.49 -17.60 17.59
N HIS A 186 4.55 -18.12 16.36
CA HIS A 186 3.37 -18.12 15.51
C HIS A 186 2.31 -19.12 15.98
N LYS A 187 2.61 -19.93 16.99
CA LYS A 187 1.55 -20.62 17.72
C LYS A 187 0.86 -19.67 18.70
N LYS A 188 1.66 -18.91 19.45
CA LYS A 188 1.11 -17.93 20.40
C LYS A 188 0.33 -16.83 19.68
N LEU A 189 0.70 -16.54 18.43
CA LEU A 189 -0.08 -15.58 17.65
C LEU A 189 -1.42 -16.18 17.26
N MET A 190 -1.43 -17.46 16.87
CA MET A 190 -2.70 -18.14 16.66
C MET A 190 -3.48 -18.25 17.97
N GLU A 191 -2.78 -18.46 19.08
CA GLU A 191 -3.40 -18.40 20.39
C GLU A 191 -4.14 -17.08 20.58
N VAL A 192 -3.56 -15.98 20.09
CA VAL A 192 -4.22 -14.68 20.19
C VAL A 192 -5.43 -14.62 19.27
N PHE A 193 -5.23 -14.92 17.98
CA PHE A 193 -6.32 -14.86 17.02
C PHE A 193 -7.48 -15.75 17.43
N ASN A 194 -7.20 -16.85 18.12
CA ASN A 194 -8.27 -17.72 18.59
C ASN A 194 -9.25 -16.98 19.49
N ALA A 195 -8.81 -15.90 20.13
CA ALA A 195 -9.70 -15.12 20.99
C ALA A 195 -10.55 -14.15 20.18
N LEU A 196 -9.98 -13.50 19.17
CA LEU A 196 -10.70 -12.52 18.37
C LEU A 196 -11.27 -13.11 17.08
N LYS A 197 -11.36 -14.44 17.00
CA LYS A 197 -11.99 -15.07 15.86
C LYS A 197 -13.49 -14.80 15.87
N ARG A 198 -14.10 -14.88 14.69
CA ARG A 198 -15.54 -14.63 14.51
C ARG A 198 -16.19 -15.89 13.97
N PRO A 199 -16.61 -16.81 14.85
CA PRO A 199 -17.27 -18.04 14.37
C PRO A 199 -18.53 -17.79 13.56
N GLU A 200 -19.20 -16.64 13.78
CA GLU A 200 -20.39 -16.32 13.00
C GLU A 200 -20.10 -16.15 11.52
N LEU A 201 -18.82 -16.03 11.14
CA LEU A 201 -18.44 -15.83 9.74
C LEU A 201 -17.49 -16.91 9.23
N GLU A 202 -17.23 -17.95 10.03
CA GLU A 202 -16.27 -18.98 9.64
C GLU A 202 -16.71 -19.69 8.37
N SER A 203 -15.78 -19.82 7.42
CA SER A 203 -15.99 -20.57 6.18
C SER A 203 -17.20 -20.06 5.41
N SER A 204 -17.32 -18.74 5.32
CA SER A 204 -18.44 -18.11 4.64
C SER A 204 -18.02 -17.28 3.44
N TYR A 205 -16.88 -16.59 3.53
CA TYR A 205 -16.43 -15.71 2.46
C TYR A 205 -16.40 -16.43 1.11
N ASP A 206 -16.70 -15.69 0.05
CA ASP A 206 -16.68 -16.24 -1.29
C ASP A 206 -16.25 -15.14 -2.27
N ALA A 207 -15.95 -15.56 -3.49
CA ALA A 207 -15.65 -14.62 -4.55
C ALA A 207 -16.83 -13.68 -4.77
N VAL A 208 -16.52 -12.45 -5.19
CA VAL A 208 -17.55 -11.47 -5.47
C VAL A 208 -17.78 -11.40 -6.98
N GLU A 209 -18.94 -10.89 -7.36
CA GLU A 209 -19.26 -10.78 -8.76
C GLU A 209 -18.56 -9.56 -9.37
N TRP A 210 -18.43 -9.58 -10.70
CA TRP A 210 -17.62 -8.59 -11.39
C TRP A 210 -18.13 -7.17 -11.18
N GLU A 211 -19.39 -7.00 -10.77
CA GLU A 211 -19.96 -5.67 -10.58
C GLU A 211 -19.46 -5.02 -9.29
N GLU A 212 -19.51 -5.75 -8.17
CA GLU A 212 -19.06 -5.18 -6.90
C GLU A 212 -17.57 -4.88 -6.93
N LEU A 213 -16.78 -5.79 -7.51
CA LEU A 213 -15.35 -5.54 -7.66
C LEU A 213 -15.09 -4.28 -8.50
N GLU A 214 -15.81 -4.14 -9.61
CA GLU A 214 -15.59 -3.06 -10.55
C GLU A 214 -16.11 -1.71 -10.07
N ARG A 215 -17.08 -1.71 -9.15
CA ARG A 215 -17.70 -0.48 -8.64
C ARG A 215 -16.63 0.52 -8.21
N GLY A 216 -15.96 0.24 -7.10
CA GLY A 216 -14.83 1.05 -6.69
C GLY A 216 -13.52 0.47 -7.18
N ILE A 217 -13.09 0.88 -8.37
CA ILE A 217 -11.80 0.45 -8.91
C ILE A 217 -11.25 1.58 -9.78
N ASN A 218 -9.94 1.77 -9.72
CA ASN A 218 -9.27 2.82 -10.48
C ASN A 218 -8.99 2.27 -11.88
N ARG A 219 -9.65 2.84 -12.89
CA ARG A 219 -9.49 2.35 -14.26
C ARG A 219 -8.08 2.53 -14.80
N LYS A 220 -7.21 3.25 -14.08
CA LYS A 220 -5.83 3.48 -14.54
C LYS A 220 -4.82 2.83 -13.59
N GLY A 221 -5.17 1.68 -13.02
CA GLY A 221 -4.25 1.01 -12.12
C GLY A 221 -3.01 0.53 -12.85
N ALA A 222 -1.88 0.57 -12.14
CA ALA A 222 -0.59 0.29 -12.76
C ALA A 222 -0.55 -1.15 -13.29
N ALA A 223 0.29 -1.36 -14.32
CA ALA A 223 0.41 -2.64 -14.98
C ALA A 223 1.79 -3.25 -14.73
N GLY A 224 1.83 -4.58 -14.71
CA GLY A 224 3.07 -5.29 -14.48
C GLY A 224 4.12 -5.01 -15.54
N PHE A 225 5.34 -5.46 -15.25
CA PHE A 225 6.47 -5.17 -16.13
C PHE A 225 6.29 -5.77 -17.51
N PHE A 226 5.65 -6.93 -17.61
CA PHE A 226 5.39 -7.58 -18.88
C PHE A 226 4.01 -7.27 -19.45
N GLU A 227 3.26 -6.38 -18.80
CA GLU A 227 1.91 -6.04 -19.22
C GLU A 227 1.90 -4.77 -20.05
N ARG A 228 0.85 -4.63 -20.86
CA ARG A 228 0.74 -3.49 -21.77
C ARG A 228 -0.54 -2.71 -21.51
N LYS A 229 -1.58 -3.39 -21.07
CA LYS A 229 -2.85 -2.78 -20.71
C LYS A 229 -2.91 -2.57 -19.20
N ASN A 230 -3.73 -1.62 -18.78
CA ASN A 230 -3.89 -1.29 -17.37
C ASN A 230 -5.21 -1.88 -16.83
N ILE A 231 -5.45 -1.62 -15.54
CA ILE A 231 -6.58 -2.22 -14.83
C ILE A 231 -7.89 -2.09 -15.60
N GLY A 232 -8.13 -0.91 -16.18
CA GLY A 232 -9.31 -0.71 -16.98
C GLY A 232 -9.36 -1.58 -18.23
N GLU A 233 -8.31 -1.52 -19.04
CA GLU A 233 -8.31 -2.27 -20.30
C GLU A 233 -8.36 -3.78 -20.06
N ILE A 234 -7.72 -4.25 -18.99
CA ILE A 234 -7.86 -5.65 -18.59
C ILE A 234 -9.34 -5.98 -18.37
N LEU A 235 -10.05 -5.08 -17.68
CA LEU A 235 -11.49 -5.28 -17.50
C LEU A 235 -12.23 -5.16 -18.82
N ASP A 236 -11.82 -4.23 -19.69
CA ASP A 236 -12.54 -3.98 -20.93
C ASP A 236 -12.46 -5.19 -21.86
N SER A 237 -11.26 -5.72 -22.08
CA SER A 237 -11.03 -6.73 -23.09
C SER A 237 -10.82 -8.12 -22.49
N GLU A 238 -9.70 -8.36 -21.81
CA GLU A 238 -9.35 -9.72 -21.38
C GLU A 238 -9.83 -10.02 -19.97
N LYS A 239 -11.12 -9.77 -19.70
CA LYS A 239 -11.69 -10.20 -18.42
C LYS A 239 -11.62 -11.71 -18.25
N ASN A 240 -11.52 -12.44 -19.37
CA ASN A 240 -11.39 -13.90 -19.30
C ASN A 240 -9.99 -14.33 -18.88
N LYS A 241 -8.97 -13.53 -19.21
CA LYS A 241 -7.61 -13.88 -18.82
C LYS A 241 -7.46 -13.86 -17.31
N VAL A 242 -8.16 -12.93 -16.64
CA VAL A 242 -8.16 -12.89 -15.18
C VAL A 242 -8.91 -14.09 -14.62
N GLU A 243 -9.99 -14.51 -15.30
CA GLU A 243 -10.71 -15.71 -14.88
C GLU A 243 -9.83 -16.96 -14.97
N GLU A 244 -8.82 -16.93 -15.85
CA GLU A 244 -7.86 -18.03 -15.89
C GLU A 244 -7.01 -18.06 -14.62
N ILE A 245 -6.37 -16.93 -14.30
CA ILE A 245 -5.52 -16.85 -13.10
C ILE A 245 -6.29 -17.28 -11.87
N ILE A 246 -7.59 -16.96 -11.83
CA ILE A 246 -8.42 -17.36 -10.70
C ILE A 246 -8.65 -18.87 -10.69
N ASP A 247 -8.84 -19.46 -11.88
CA ASP A 247 -9.13 -20.90 -11.95
C ASP A 247 -7.93 -21.74 -11.51
N ASN A 248 -6.78 -21.53 -12.16
CA ASN A 248 -5.60 -22.34 -11.85
C ASN A 248 -5.20 -22.22 -10.39
N LEU A 249 -5.22 -20.99 -9.86
CA LEU A 249 -4.95 -20.78 -8.45
C LEU A 249 -5.92 -21.56 -7.58
N LYS A 250 -7.21 -21.54 -7.95
CA LYS A 250 -8.19 -22.32 -7.21
C LYS A 250 -8.02 -23.82 -7.43
N LYS A 251 -7.40 -24.21 -8.55
CA LYS A 251 -7.17 -25.62 -8.82
C LYS A 251 -5.90 -26.14 -8.18
N GLY A 252 -4.92 -25.26 -7.91
CA GLY A 252 -3.72 -25.66 -7.21
C GLY A 252 -2.45 -25.55 -8.02
N ARG A 253 -2.54 -24.95 -9.21
CA ARG A 253 -1.39 -24.86 -10.11
C ARG A 253 -0.58 -23.61 -9.83
N ASN A 254 0.74 -23.73 -10.02
CA ASN A 254 1.61 -22.56 -9.93
C ASN A 254 1.31 -21.58 -11.05
N ILE A 255 1.31 -20.31 -10.72
CA ILE A 255 1.11 -19.25 -11.71
C ILE A 255 2.40 -18.46 -11.80
N LYS A 256 2.58 -17.78 -12.94
CA LYS A 256 3.78 -16.99 -13.17
C LYS A 256 3.70 -15.69 -12.36
N TYR A 257 3.80 -15.85 -11.04
CA TYR A 257 3.77 -14.70 -10.14
C TYR A 257 5.08 -13.93 -10.21
N TYR A 258 5.01 -12.67 -10.59
CA TYR A 258 6.11 -11.73 -10.47
C TYR A 258 5.58 -10.44 -9.85
N GLU A 259 6.47 -9.71 -9.18
CA GLU A 259 6.17 -8.36 -8.76
C GLU A 259 7.09 -7.39 -9.48
N THR A 260 6.66 -6.14 -9.58
CA THR A 260 7.42 -5.10 -10.24
C THR A 260 7.76 -4.02 -9.22
N ALA A 261 8.99 -3.51 -9.30
CA ALA A 261 9.51 -2.58 -8.30
C ALA A 261 9.79 -1.23 -8.93
N ILE A 262 9.22 -0.18 -8.33
CA ILE A 262 9.40 1.20 -8.78
C ILE A 262 9.63 2.08 -7.56
N PRO A 263 10.27 3.23 -7.75
CA PRO A 263 10.46 4.16 -6.63
C PRO A 263 9.19 4.93 -6.32
N LYS A 264 9.21 5.63 -5.17
CA LYS A 264 8.04 6.36 -4.74
C LYS A 264 7.81 7.59 -5.62
N ASN A 265 6.54 7.81 -5.96
CA ASN A 265 6.08 8.89 -6.83
C ASN A 265 6.47 8.67 -8.29
N GLU A 266 6.83 7.45 -8.67
CA GLU A 266 6.97 7.10 -10.08
C GLU A 266 5.60 7.09 -10.75
N LYS A 267 5.60 7.31 -12.07
CA LYS A 267 4.35 7.40 -12.81
C LYS A 267 3.48 6.16 -12.66
N ARG A 268 4.03 5.04 -12.20
CA ARG A 268 3.28 3.80 -12.05
C ARG A 268 2.88 3.52 -10.59
N ASP A 269 2.99 4.51 -9.70
CA ASP A 269 2.53 4.36 -8.31
C ASP A 269 1.08 4.81 -8.29
N VAL A 270 0.17 3.86 -8.49
CA VAL A 270 -1.25 4.17 -8.64
C VAL A 270 -2.04 3.19 -7.77
N ASN A 271 -2.97 3.73 -6.98
CA ASN A 271 -3.74 2.93 -6.04
C ASN A 271 -4.99 2.36 -6.71
N ASP A 272 -5.26 1.09 -6.45
CA ASP A 272 -6.45 0.43 -6.97
C ASP A 272 -7.71 0.82 -6.20
N ASP A 273 -7.59 1.30 -4.98
CA ASP A 273 -8.71 1.70 -4.15
C ASP A 273 -8.61 3.19 -3.85
N TRP A 274 -9.60 3.70 -3.12
CA TRP A 274 -9.67 5.12 -2.77
C TRP A 274 -8.96 5.36 -1.45
N THR A 275 -8.08 6.36 -1.42
CA THR A 275 -7.34 6.70 -0.22
C THR A 275 -8.17 7.66 0.63
N ALA A 276 -8.35 7.32 1.91
CA ALA A 276 -9.10 8.16 2.84
C ALA A 276 -8.41 9.49 3.11
N GLY A 277 -7.24 9.71 2.54
CA GLY A 277 -6.56 10.98 2.65
C GLY A 277 -5.30 10.94 1.81
N ASP A 278 -4.65 12.11 1.72
CA ASP A 278 -3.36 12.20 1.06
C ASP A 278 -2.23 11.64 1.92
N PHE A 279 -2.54 11.10 3.09
CA PHE A 279 -1.55 10.52 3.97
C PHE A 279 -1.21 9.08 3.61
N VAL A 280 -2.12 8.37 2.92
CA VAL A 280 -1.89 6.96 2.62
C VAL A 280 -0.71 6.80 1.67
N ASP A 281 -0.68 7.60 0.60
CA ASP A 281 0.44 7.62 -0.32
C ASP A 281 1.71 8.16 0.32
N GLU A 282 1.59 8.73 1.52
CA GLU A 282 2.68 9.34 2.27
C GLU A 282 3.33 8.35 3.23
N LYS A 283 2.54 7.49 3.88
CA LYS A 283 3.08 6.36 4.62
C LYS A 283 3.36 5.16 3.72
N LYS A 284 3.82 5.42 2.52
CA LYS A 284 4.30 4.47 1.53
C LYS A 284 5.82 4.33 1.64
N PRO A 285 6.36 3.14 1.40
CA PRO A 285 7.81 2.96 1.44
C PRO A 285 8.46 3.46 0.16
N ARG A 286 9.77 3.68 0.25
CA ARG A 286 10.53 4.19 -0.89
C ARG A 286 10.48 3.24 -2.08
N VAL A 287 10.26 1.95 -1.84
CA VAL A 287 10.29 0.91 -2.86
C VAL A 287 8.91 0.26 -2.91
N ILE A 288 8.23 0.41 -4.04
CA ILE A 288 6.88 -0.12 -4.22
C ILE A 288 6.97 -1.39 -5.06
N GLN A 289 6.42 -2.48 -4.54
CA GLN A 289 6.39 -3.77 -5.22
C GLN A 289 4.94 -4.11 -5.54
N TYR A 290 4.62 -4.30 -6.84
CA TYR A 290 3.25 -4.62 -7.22
C TYR A 290 3.18 -5.72 -8.28
N PRO A 291 2.31 -6.71 -8.11
CA PRO A 291 2.15 -7.75 -9.12
C PRO A 291 1.42 -7.23 -10.35
N GLU A 292 1.38 -8.08 -11.38
CA GLU A 292 0.74 -7.70 -12.64
C GLU A 292 -0.71 -7.29 -12.39
N ALA A 293 -1.17 -6.31 -13.18
CA ALA A 293 -2.53 -5.78 -12.99
C ALA A 293 -3.58 -6.85 -13.17
N LYS A 294 -3.36 -7.80 -14.09
CA LYS A 294 -4.28 -8.91 -14.23
C LYS A 294 -4.30 -9.76 -12.96
N THR A 295 -3.16 -9.85 -12.28
CA THR A 295 -3.08 -10.62 -11.03
C THR A 295 -3.72 -9.88 -9.86
N ARG A 296 -3.64 -8.54 -9.85
CA ARG A 296 -4.33 -7.78 -8.81
C ARG A 296 -5.82 -8.06 -8.83
N LEU A 297 -6.41 -8.12 -10.03
CA LEU A 297 -7.85 -8.36 -10.14
C LEU A 297 -8.20 -9.80 -9.79
N ALA A 298 -7.35 -10.74 -10.19
CA ALA A 298 -7.60 -12.15 -9.89
C ALA A 298 -7.70 -12.37 -8.38
N ILE A 299 -6.77 -11.77 -7.63
CA ILE A 299 -6.81 -11.90 -6.18
C ILE A 299 -8.06 -11.23 -5.62
N THR A 300 -8.47 -10.11 -6.22
CA THR A 300 -9.49 -9.28 -5.59
C THR A 300 -10.90 -9.78 -5.90
N LYS A 301 -11.17 -10.21 -7.14
CA LYS A 301 -12.48 -10.78 -7.46
C LYS A 301 -12.80 -11.98 -6.59
N VAL A 302 -11.80 -12.55 -5.91
CA VAL A 302 -11.96 -13.68 -5.02
C VAL A 302 -11.95 -13.20 -3.58
N MET A 303 -10.82 -12.64 -3.14
CA MET A 303 -10.61 -12.28 -1.75
C MET A 303 -11.17 -10.91 -1.39
N TYR A 304 -12.08 -10.36 -2.20
CA TYR A 304 -12.62 -9.01 -1.97
C TYR A 304 -13.11 -8.82 -0.54
N LYS A 305 -13.71 -9.87 0.04
CA LYS A 305 -14.29 -9.73 1.36
C LYS A 305 -13.22 -9.60 2.44
N TRP A 306 -12.00 -10.09 2.18
CA TRP A 306 -10.90 -9.92 3.12
C TRP A 306 -10.01 -8.72 2.80
N VAL A 307 -9.55 -8.60 1.54
CA VAL A 307 -8.52 -7.61 1.22
C VAL A 307 -9.08 -6.21 1.40
N LYS A 308 -10.25 -5.93 0.83
CA LYS A 308 -10.95 -4.68 1.12
C LYS A 308 -11.51 -4.66 2.54
N GLN A 309 -11.55 -5.81 3.20
CA GLN A 309 -12.14 -5.95 4.54
C GLN A 309 -13.57 -5.42 4.54
N LYS A 310 -14.41 -6.07 3.71
CA LYS A 310 -15.76 -5.56 3.51
C LYS A 310 -16.59 -5.67 4.79
N PRO A 311 -16.71 -6.84 5.43
CA PRO A 311 -16.98 -6.84 6.87
C PRO A 311 -15.65 -6.70 7.59
N VAL A 312 -15.59 -5.80 8.57
CA VAL A 312 -14.35 -5.51 9.26
C VAL A 312 -14.15 -6.54 10.35
N VAL A 313 -13.02 -7.27 10.30
CA VAL A 313 -12.76 -8.41 11.16
C VAL A 313 -11.56 -8.18 12.08
N ILE A 314 -10.46 -7.65 11.53
CA ILE A 314 -9.27 -7.32 12.32
C ILE A 314 -9.64 -6.23 13.32
N PRO A 315 -9.65 -6.51 14.63
CA PRO A 315 -10.16 -5.53 15.59
C PRO A 315 -9.29 -4.28 15.63
N GLY A 316 -9.93 -3.12 15.45
CA GLY A 316 -9.24 -1.86 15.47
C GLY A 316 -8.76 -1.37 14.11
N TYR A 317 -9.17 -2.02 13.03
CA TYR A 317 -8.76 -1.62 11.69
C TYR A 317 -9.59 -0.42 11.23
N GLU A 318 -8.93 0.70 10.99
CA GLU A 318 -9.60 1.95 10.67
C GLU A 318 -9.47 2.33 9.20
N GLY A 319 -8.95 1.42 8.36
CA GLY A 319 -8.79 1.72 6.94
C GLY A 319 -10.09 2.10 6.25
N LYS A 320 -11.22 1.63 6.78
CA LYS A 320 -12.52 2.01 6.25
C LYS A 320 -13.09 3.25 6.90
N THR A 321 -12.49 3.71 8.01
CA THR A 321 -12.97 4.89 8.72
C THR A 321 -12.48 6.16 8.03
N PRO A 322 -13.35 7.14 7.83
CA PRO A 322 -12.92 8.42 7.28
C PRO A 322 -12.27 9.30 8.34
N LEU A 323 -11.46 10.25 7.85
CA LEU A 323 -10.52 10.95 8.72
C LEU A 323 -11.20 11.75 9.82
N PHE A 324 -12.30 12.44 9.50
CA PHE A 324 -12.83 13.42 10.44
C PHE A 324 -13.39 12.80 11.72
N GLN A 325 -13.78 11.52 11.70
CA GLN A 325 -14.28 10.87 12.90
C GLN A 325 -13.27 9.94 13.54
N ILE A 326 -12.06 9.82 13.00
CA ILE A 326 -11.08 8.86 13.52
C ILE A 326 -10.79 9.14 14.98
N PHE A 327 -10.68 10.41 15.35
CA PHE A 327 -10.37 10.79 16.73
C PHE A 327 -11.61 10.97 17.59
N ASP A 328 -12.74 11.32 16.98
CA ASP A 328 -14.01 11.32 17.71
C ASP A 328 -14.35 9.92 18.21
N LYS A 329 -14.22 8.91 17.34
CA LYS A 329 -14.46 7.53 17.73
C LYS A 329 -13.52 7.09 18.85
N VAL A 330 -12.29 7.62 18.88
CA VAL A 330 -11.30 7.17 19.85
C VAL A 330 -11.55 7.80 21.21
N LYS A 331 -11.79 9.12 21.24
CA LYS A 331 -12.01 9.80 22.50
C LYS A 331 -13.18 9.22 23.27
N LYS A 332 -14.13 8.58 22.58
CA LYS A 332 -15.21 7.88 23.27
C LYS A 332 -14.71 6.67 24.04
N GLU A 333 -13.55 6.12 23.68
CA GLU A 333 -12.92 5.03 24.42
C GLU A 333 -11.87 5.51 25.41
N TRP A 334 -11.09 6.53 25.04
CA TRP A 334 -10.09 7.10 25.94
C TRP A 334 -10.73 7.61 27.23
N ASP A 335 -11.97 8.07 27.16
CA ASP A 335 -12.64 8.68 28.30
C ASP A 335 -13.27 7.67 29.24
N GLN A 336 -13.01 6.37 29.06
CA GLN A 336 -13.54 5.37 29.96
C GLN A 336 -12.53 4.78 30.92
N PHE A 337 -11.23 4.93 30.62
CA PHE A 337 -10.19 4.39 31.50
C PHE A 337 -9.99 5.34 32.68
N GLN A 338 -9.89 4.78 33.88
CA GLN A 338 -9.71 5.59 35.09
C GLN A 338 -8.53 6.52 34.97
N ASN A 339 -7.48 6.10 34.27
CA ASN A 339 -6.31 6.95 34.02
C ASN A 339 -5.65 6.46 32.75
N PRO A 340 -6.02 7.03 31.59
CA PRO A 340 -5.60 6.46 30.32
C PRO A 340 -4.28 6.99 29.79
N VAL A 341 -3.58 6.11 29.06
CA VAL A 341 -2.38 6.45 28.31
C VAL A 341 -2.42 5.73 26.96
N ALA A 342 -1.61 6.22 26.02
CA ALA A 342 -1.55 5.66 24.68
C ALA A 342 -0.10 5.40 24.29
N VAL A 343 0.10 4.38 23.45
CA VAL A 343 1.43 3.89 23.08
C VAL A 343 1.45 3.59 21.57
N SER A 344 2.45 4.13 20.87
CA SER A 344 2.54 4.08 19.42
C SER A 344 3.36 2.88 18.93
N PHE A 345 3.08 2.47 17.70
CA PHE A 345 3.82 1.41 17.01
C PHE A 345 4.69 2.05 15.95
N ASP A 346 5.99 2.15 16.22
CA ASP A 346 6.94 2.65 15.23
C ASP A 346 7.80 1.51 14.71
N THR A 347 7.18 0.53 14.05
CA THR A 347 7.95 -0.57 13.48
C THR A 347 8.82 -0.06 12.35
N LYS A 348 10.15 -0.14 12.53
CA LYS A 348 11.09 0.39 11.55
C LYS A 348 10.90 -0.30 10.21
N ALA A 349 10.34 0.42 9.23
CA ALA A 349 10.08 -0.10 7.90
C ALA A 349 9.40 -1.46 7.96
N TRP A 350 8.10 -1.46 8.26
CA TRP A 350 7.40 -2.70 8.58
C TRP A 350 7.43 -3.69 7.42
N ASP A 351 7.30 -3.19 6.19
CA ASP A 351 7.05 -4.08 5.05
C ASP A 351 8.15 -5.13 4.91
N THR A 352 9.40 -4.75 5.15
CA THR A 352 10.51 -5.68 5.05
C THR A 352 10.74 -6.47 6.32
N GLN A 353 9.80 -6.44 7.27
CA GLN A 353 9.96 -7.14 8.53
C GLN A 353 9.03 -8.34 8.64
N VAL A 354 8.50 -8.84 7.53
CA VAL A 354 7.51 -9.90 7.55
C VAL A 354 8.21 -11.22 7.22
N THR A 355 8.22 -12.14 8.19
CA THR A 355 8.80 -13.46 7.94
C THR A 355 7.82 -14.31 7.14
N THR A 356 8.30 -15.48 6.70
CA THR A 356 7.45 -16.37 5.92
C THR A 356 6.43 -17.09 6.80
N LYS A 357 6.80 -17.41 8.04
CA LYS A 357 5.81 -17.95 8.96
C LYS A 357 4.67 -16.96 9.19
N ASP A 358 4.96 -15.66 9.05
CA ASP A 358 3.91 -14.64 9.14
C ASP A 358 2.90 -14.80 8.01
N LEU A 359 3.39 -14.77 6.76
CA LEU A 359 2.51 -15.02 5.62
C LEU A 359 1.80 -16.35 5.75
N GLU A 360 2.45 -17.35 6.36
CA GLU A 360 1.79 -18.62 6.65
C GLU A 360 0.71 -18.45 7.71
N LEU A 361 0.88 -17.48 8.61
CA LEU A 361 -0.14 -17.24 9.63
C LEU A 361 -1.37 -16.57 9.02
N ILE A 362 -1.18 -15.41 8.39
CA ILE A 362 -2.28 -14.74 7.70
C ILE A 362 -2.97 -15.68 6.72
N LYS A 363 -2.21 -16.60 6.13
CA LYS A 363 -2.80 -17.63 5.28
C LYS A 363 -3.81 -18.47 6.07
N ASP A 364 -3.42 -18.92 7.26
CA ASP A 364 -4.33 -19.71 8.09
C ASP A 364 -5.55 -18.90 8.48
N ILE A 365 -5.37 -17.59 8.72
CA ILE A 365 -6.51 -16.73 9.04
C ILE A 365 -7.47 -16.67 7.88
N GLN A 366 -6.96 -16.39 6.68
CA GLN A 366 -7.78 -16.31 5.48
C GLN A 366 -8.57 -17.59 5.25
N LYS A 367 -8.01 -18.74 5.63
CA LYS A 367 -8.73 -19.99 5.49
C LYS A 367 -9.86 -20.12 6.49
N TYR A 368 -9.78 -19.43 7.64
CA TYR A 368 -10.82 -19.56 8.65
C TYR A 368 -12.13 -18.97 8.17
N TYR A 369 -12.08 -17.82 7.51
CA TYR A 369 -13.28 -17.12 7.08
C TYR A 369 -13.68 -17.43 5.64
N PHE A 370 -12.82 -18.09 4.86
CA PHE A 370 -13.17 -18.39 3.48
C PHE A 370 -13.78 -19.79 3.36
N LYS A 371 -14.57 -19.97 2.31
CA LYS A 371 -15.20 -21.25 2.04
C LYS A 371 -14.15 -22.35 1.86
N LYS A 372 -14.63 -23.60 1.81
CA LYS A 372 -13.72 -24.73 1.63
C LYS A 372 -13.14 -24.74 0.21
N LYS A 373 -13.93 -24.34 -0.78
CA LYS A 373 -13.50 -24.39 -2.17
C LYS A 373 -12.30 -23.50 -2.45
N TRP A 374 -12.08 -22.46 -1.63
CA TRP A 374 -11.11 -21.43 -1.94
C TRP A 374 -9.82 -21.57 -1.15
N HIS A 375 -9.67 -22.62 -0.35
CA HIS A 375 -8.44 -22.80 0.41
C HIS A 375 -7.25 -23.03 -0.51
N LYS A 376 -7.43 -23.81 -1.58
CA LYS A 376 -6.34 -24.02 -2.53
C LYS A 376 -5.86 -22.70 -3.12
N PHE A 377 -6.80 -21.79 -3.39
CA PHE A 377 -6.43 -20.44 -3.82
C PHE A 377 -5.52 -19.78 -2.79
N ILE A 378 -5.88 -19.90 -1.52
CA ILE A 378 -5.08 -19.30 -0.45
C ILE A 378 -3.76 -20.05 -0.30
N ASP A 379 -3.81 -21.38 -0.36
CA ASP A 379 -2.59 -22.18 -0.22
C ASP A 379 -1.58 -21.83 -1.31
N THR A 380 -2.03 -21.75 -2.57
CA THR A 380 -1.11 -21.53 -3.67
C THR A 380 -0.55 -20.11 -3.67
N LEU A 381 -1.45 -19.12 -3.61
CA LEU A 381 -1.03 -17.73 -3.69
C LEU A 381 -0.01 -17.38 -2.60
N THR A 382 -0.20 -17.93 -1.40
CA THR A 382 0.75 -17.66 -0.32
C THR A 382 2.12 -18.24 -0.64
N MET A 383 2.16 -19.42 -1.27
CA MET A 383 3.45 -20.02 -1.63
C MET A 383 4.26 -19.09 -2.52
N HIS A 384 3.59 -18.40 -3.45
CA HIS A 384 4.28 -17.45 -4.31
C HIS A 384 4.74 -16.23 -3.53
N MET A 385 3.91 -15.74 -2.61
CA MET A 385 4.22 -14.53 -1.86
C MET A 385 5.36 -14.72 -0.87
N THR A 386 5.88 -15.94 -0.68
CA THR A 386 7.05 -16.17 0.16
C THR A 386 8.35 -16.02 -0.61
N GLU A 387 8.43 -16.64 -1.80
CA GLU A 387 9.56 -16.47 -2.71
C GLU A 387 9.06 -15.64 -3.89
N VAL A 388 9.20 -14.32 -3.78
CA VAL A 388 8.65 -13.38 -4.74
C VAL A 388 9.77 -12.94 -5.68
N PRO A 389 9.68 -13.23 -6.98
CA PRO A 389 10.60 -12.61 -7.93
C PRO A 389 10.11 -11.21 -8.31
N VAL A 390 11.01 -10.23 -8.22
CA VAL A 390 10.65 -8.83 -8.42
C VAL A 390 11.54 -8.26 -9.51
N ILE A 391 10.92 -7.73 -10.57
CA ILE A 391 11.62 -7.10 -11.69
C ILE A 391 11.66 -5.60 -11.45
N CYS A 392 12.83 -5.00 -11.61
CA CYS A 392 13.01 -3.57 -11.37
C CYS A 392 12.50 -2.75 -12.55
N ALA A 393 12.64 -1.43 -12.45
CA ALA A 393 12.23 -0.55 -13.54
C ALA A 393 13.15 -0.68 -14.73
N ASP A 394 14.46 -0.85 -14.49
CA ASP A 394 15.44 -0.99 -15.55
C ASP A 394 15.66 -2.44 -15.96
N GLY A 395 14.90 -3.38 -15.40
CA GLY A 395 14.98 -4.78 -15.77
C GLY A 395 15.67 -5.67 -14.76
N GLU A 396 16.35 -5.09 -13.77
CA GLU A 396 17.11 -5.86 -12.79
C GLU A 396 16.18 -6.70 -11.94
N VAL A 397 16.24 -8.03 -12.10
CA VAL A 397 15.34 -8.95 -11.39
C VAL A 397 16.05 -9.47 -10.15
N TYR A 398 15.36 -9.42 -9.01
CA TYR A 398 15.84 -9.98 -7.76
C TYR A 398 14.77 -10.87 -7.15
N ILE A 399 15.19 -11.77 -6.26
CA ILE A 399 14.30 -12.69 -5.58
C ILE A 399 14.16 -12.20 -4.13
N ARG A 400 12.92 -11.93 -3.71
CA ARG A 400 12.68 -11.33 -2.41
C ARG A 400 12.62 -12.40 -1.34
N LYS A 401 13.41 -12.23 -0.28
CA LYS A 401 13.36 -13.14 0.86
C LYS A 401 12.11 -12.89 1.69
N GLY A 402 10.95 -13.28 1.18
CA GLY A 402 9.72 -13.08 1.91
C GLY A 402 9.24 -11.65 1.77
N GLN A 403 8.84 -11.06 2.91
CA GLN A 403 8.39 -9.68 3.01
C GLN A 403 7.11 -9.41 2.22
N ARG A 404 6.47 -8.30 2.55
CA ARG A 404 5.22 -7.88 1.92
C ARG A 404 5.52 -6.85 0.84
N GLY A 405 5.10 -7.13 -0.39
CA GLY A 405 5.11 -6.12 -1.42
C GLY A 405 4.10 -5.04 -1.08
N SER A 406 4.55 -3.77 -1.10
CA SER A 406 3.69 -2.67 -0.68
C SER A 406 2.47 -2.51 -1.57
N GLY A 407 2.52 -2.97 -2.82
CA GLY A 407 1.40 -2.90 -3.73
C GLY A 407 0.57 -4.17 -3.85
N GLN A 408 0.76 -5.16 -2.98
CA GLN A 408 -0.08 -6.35 -3.01
C GLN A 408 -1.52 -6.01 -2.60
N PRO A 409 -2.51 -6.76 -3.08
CA PRO A 409 -3.87 -6.57 -2.58
C PRO A 409 -4.02 -6.84 -1.08
N ASP A 410 -3.18 -7.71 -0.53
CA ASP A 410 -3.29 -8.16 0.86
C ASP A 410 -2.57 -7.23 1.85
N THR A 411 -2.02 -6.10 1.39
CA THR A 411 -1.17 -5.28 2.24
C THR A 411 -1.93 -4.71 3.43
N SER A 412 -2.86 -3.78 3.18
CA SER A 412 -3.58 -3.16 4.28
C SER A 412 -4.31 -4.19 5.12
N ALA A 413 -4.94 -5.18 4.47
CA ALA A 413 -5.67 -6.21 5.21
C ALA A 413 -4.72 -7.09 6.02
N GLY A 414 -3.68 -7.63 5.37
CA GLY A 414 -2.80 -8.56 6.04
C GLY A 414 -1.94 -7.91 7.09
N ASN A 415 -1.29 -6.79 6.74
CA ASN A 415 -0.42 -6.07 7.67
C ASN A 415 -1.15 -5.72 8.96
N SER A 416 -2.40 -5.25 8.83
CA SER A 416 -3.16 -4.85 10.01
C SER A 416 -3.36 -6.03 10.95
N MET A 417 -3.92 -7.13 10.42
CA MET A 417 -4.07 -8.34 11.21
C MET A 417 -2.75 -8.75 11.86
N LEU A 418 -1.65 -8.59 11.13
CA LEU A 418 -0.34 -8.93 11.66
C LEU A 418 0.09 -7.97 12.76
N ASN A 419 -0.22 -6.68 12.61
CA ASN A 419 0.08 -5.70 13.65
C ASN A 419 -0.64 -6.04 14.94
N VAL A 420 -1.95 -6.25 14.88
CA VAL A 420 -2.72 -6.46 16.10
C VAL A 420 -2.31 -7.77 16.78
N LEU A 421 -2.04 -8.81 15.99
CA LEU A 421 -1.66 -10.08 16.60
C LEU A 421 -0.29 -9.99 17.26
N THR A 422 0.65 -9.30 16.62
CA THR A 422 1.96 -9.08 17.22
C THR A 422 1.85 -8.16 18.43
N MET A 423 1.14 -7.05 18.29
CA MET A 423 1.09 -6.06 19.36
C MET A 423 0.25 -6.54 20.55
N VAL A 424 -0.78 -7.35 20.30
CA VAL A 424 -1.47 -7.99 21.42
C VAL A 424 -0.54 -8.95 22.14
N TYR A 425 0.23 -9.72 21.37
CA TYR A 425 1.22 -10.62 21.96
C TYR A 425 2.23 -9.83 22.79
N ALA A 426 2.80 -8.78 22.22
CA ALA A 426 3.80 -7.99 22.94
C ALA A 426 3.21 -7.36 24.20
N PHE A 427 1.97 -6.88 24.12
CA PHE A 427 1.34 -6.28 25.29
C PHE A 427 1.12 -7.31 26.39
N CYS A 428 0.49 -8.43 26.04
CA CYS A 428 0.24 -9.48 27.03
C CYS A 428 1.54 -10.07 27.56
N GLU A 429 2.57 -10.18 26.71
CA GLU A 429 3.82 -10.79 27.16
C GLU A 429 4.58 -9.89 28.12
N ALA A 430 4.45 -8.58 27.98
CA ALA A 430 5.15 -7.65 28.86
C ALA A 430 4.39 -7.40 30.16
N THR A 431 3.13 -7.79 30.26
CA THR A 431 2.28 -7.44 31.40
C THR A 431 1.58 -8.63 32.04
N GLY A 432 1.57 -9.81 31.43
CA GLY A 432 0.93 -10.96 32.03
C GLY A 432 -0.58 -10.99 31.92
N VAL A 433 -1.17 -10.18 31.05
CA VAL A 433 -2.62 -10.20 30.86
C VAL A 433 -2.97 -11.33 29.88
N PRO A 434 -3.87 -12.24 30.24
CA PRO A 434 -4.23 -13.33 29.31
C PRO A 434 -4.70 -12.80 27.96
N TYR A 435 -4.47 -13.61 26.92
CA TYR A 435 -4.93 -13.25 25.58
C TYR A 435 -6.44 -13.10 25.52
N LYS A 436 -7.17 -13.88 26.33
CA LYS A 436 -8.63 -13.78 26.33
C LYS A 436 -9.09 -12.47 26.95
N SER A 437 -8.42 -12.02 28.01
CA SER A 437 -8.81 -10.83 28.77
C SER A 437 -8.16 -9.56 28.26
N PHE A 438 -7.87 -9.46 26.96
CA PHE A 438 -7.18 -8.28 26.45
C PHE A 438 -8.13 -7.09 26.36
N ASP A 439 -9.30 -7.28 25.74
CA ASP A 439 -10.23 -6.17 25.58
C ASP A 439 -10.69 -5.60 26.91
N ARG A 440 -10.57 -6.37 28.00
CA ARG A 440 -11.00 -5.88 29.29
C ARG A 440 -10.02 -4.87 29.90
N VAL A 441 -8.86 -4.64 29.27
CA VAL A 441 -7.85 -3.76 29.87
C VAL A 441 -7.19 -2.86 28.84
N ALA A 442 -7.53 -3.01 27.56
CA ALA A 442 -6.88 -2.18 26.55
C ALA A 442 -7.71 -2.15 25.27
N LYS A 443 -7.58 -1.04 24.54
CA LYS A 443 -8.14 -0.89 23.21
C LYS A 443 -7.02 -0.61 22.22
N ILE A 444 -7.22 -1.01 20.98
CA ILE A 444 -6.15 -0.98 19.98
C ILE A 444 -6.71 -0.46 18.66
N HIS A 445 -5.91 0.33 17.95
CA HIS A 445 -6.28 0.91 16.66
C HIS A 445 -5.05 0.89 15.77
N VAL A 446 -5.23 0.42 14.52
CA VAL A 446 -4.14 0.32 13.56
C VAL A 446 -4.65 0.71 12.19
N CYS A 447 -3.70 0.87 11.26
CA CYS A 447 -4.01 1.11 9.85
C CYS A 447 -2.79 0.64 9.06
N GLY A 448 -2.86 -0.59 8.55
CA GLY A 448 -1.66 -1.21 8.02
C GLY A 448 -0.71 -1.47 9.17
N ASP A 449 0.47 -0.86 9.12
CA ASP A 449 1.45 -1.04 10.18
C ASP A 449 1.40 0.07 11.23
N ASP A 450 0.89 1.24 10.88
CA ASP A 450 0.78 2.33 11.83
C ASP A 450 -0.38 2.07 12.78
N GLY A 451 -0.20 2.46 14.03
CA GLY A 451 -1.26 2.31 15.00
C GLY A 451 -0.80 2.70 16.38
N PHE A 452 -1.65 2.43 17.36
CA PHE A 452 -1.38 2.74 18.75
C PHE A 452 -2.30 1.89 19.62
N LEU A 453 -2.23 2.10 20.94
CA LEU A 453 -2.90 1.21 21.89
C LEU A 453 -3.14 1.97 23.19
N ILE A 454 -4.37 1.89 23.71
CA ILE A 454 -4.82 2.70 24.83
C ILE A 454 -5.10 1.79 26.02
N THR A 455 -4.61 2.17 27.20
CA THR A 455 -4.87 1.41 28.42
C THR A 455 -4.56 2.29 29.63
N GLU A 456 -4.60 1.68 30.81
CA GLU A 456 -4.34 2.39 32.05
C GLU A 456 -2.87 2.78 32.14
N ARG A 457 -2.59 3.81 32.95
CA ARG A 457 -1.21 4.23 33.16
C ARG A 457 -0.35 3.07 33.65
N ALA A 458 -0.89 2.26 34.54
CA ALA A 458 -0.12 1.15 35.10
C ALA A 458 0.38 0.21 34.01
N LEU A 459 -0.54 -0.36 33.23
CA LEU A 459 -0.17 -1.33 32.21
C LEU A 459 0.65 -0.69 31.10
N GLY A 460 0.28 0.53 30.70
CA GLY A 460 0.93 1.16 29.55
C GLY A 460 2.43 1.34 29.71
N GLU A 461 2.88 1.58 30.94
CA GLU A 461 4.31 1.80 31.16
C GLU A 461 5.12 0.52 31.00
N LYS A 462 4.55 -0.63 31.39
CA LYS A 462 5.24 -1.90 31.22
C LYS A 462 5.43 -2.20 29.74
N PHE A 463 4.35 -2.18 28.96
CA PHE A 463 4.45 -2.33 27.51
C PHE A 463 5.32 -1.26 26.87
N ALA A 464 5.49 -0.12 27.53
CA ALA A 464 6.29 0.96 26.94
C ALA A 464 7.78 0.63 26.98
N SER A 465 8.25 0.06 28.09
CA SER A 465 9.67 -0.20 28.27
C SER A 465 10.07 -1.57 27.75
N LYS A 466 9.40 -2.61 28.23
CA LYS A 466 9.66 -3.98 27.78
C LYS A 466 9.28 -4.19 26.32
N GLY A 467 8.66 -3.19 25.69
CA GLY A 467 8.11 -3.42 24.35
C GLY A 467 9.18 -3.48 23.28
N VAL A 468 10.11 -2.52 23.29
CA VAL A 468 11.16 -2.49 22.29
C VAL A 468 11.93 -3.80 22.28
N GLN A 469 11.99 -4.48 23.41
CA GLN A 469 12.65 -5.79 23.46
C GLN A 469 11.76 -6.89 22.87
N ILE A 470 10.57 -7.10 23.47
CA ILE A 470 9.66 -8.16 23.00
C ILE A 470 9.38 -8.03 21.52
N LEU A 471 9.37 -6.80 21.01
CA LEU A 471 9.08 -6.58 19.60
C LEU A 471 10.24 -6.98 18.71
N TYR A 472 11.48 -6.82 19.18
CA TYR A 472 12.61 -7.41 18.46
C TYR A 472 12.50 -8.94 18.44
N ALA A 473 12.09 -9.53 19.56
CA ALA A 473 12.01 -10.98 19.65
C ALA A 473 11.04 -11.54 18.62
N ALA A 474 9.97 -10.81 18.34
CA ALA A 474 8.96 -11.24 17.37
C ALA A 474 9.39 -11.00 15.93
N GLY A 475 10.37 -10.13 15.71
CA GLY A 475 10.77 -9.74 14.38
C GLY A 475 10.24 -8.40 13.91
N LYS A 476 9.55 -7.66 14.76
CA LYS A 476 9.05 -6.31 14.44
C LYS A 476 9.84 -5.31 15.26
N PRO A 477 11.00 -4.85 14.79
CA PRO A 477 11.83 -3.97 15.61
C PRO A 477 11.32 -2.54 15.58
N GLN A 478 11.15 -1.95 16.76
CA GLN A 478 10.75 -0.56 16.85
C GLN A 478 11.89 0.32 16.36
N LYS A 479 11.59 1.60 16.20
CA LYS A 479 12.58 2.55 15.73
C LYS A 479 13.67 2.73 16.80
N ILE A 480 14.60 3.64 16.52
CA ILE A 480 15.67 3.92 17.49
C ILE A 480 15.10 4.40 18.81
N THR A 481 14.03 5.19 18.78
CA THR A 481 13.36 5.73 19.96
C THR A 481 14.32 6.39 20.94
N GLU A 482 13.92 6.51 22.20
CA GLU A 482 14.71 7.17 23.23
C GLU A 482 15.55 6.17 24.04
N GLY A 483 15.24 6.03 25.32
CA GLY A 483 15.92 5.05 26.16
C GLY A 483 15.33 3.66 26.03
N ASP A 484 15.10 3.23 24.80
CA ASP A 484 14.44 1.96 24.50
C ASP A 484 13.08 1.86 25.22
N LYS A 485 12.32 2.94 25.15
CA LYS A 485 10.93 2.96 25.58
C LYS A 485 10.08 3.40 24.39
N MET A 486 8.91 2.79 24.25
CA MET A 486 8.05 3.13 23.13
C MET A 486 7.47 4.53 23.30
N LYS A 487 6.90 5.05 22.22
CA LYS A 487 6.28 6.37 22.27
C LYS A 487 5.01 6.31 23.09
N VAL A 488 4.97 7.06 24.19
CA VAL A 488 3.84 7.08 25.12
C VAL A 488 3.19 8.45 25.09
N ALA A 489 1.87 8.48 24.89
CA ALA A 489 1.09 9.71 24.90
C ALA A 489 0.27 9.76 26.19
N TYR A 490 0.53 10.78 27.01
CA TYR A 490 -0.08 10.87 28.32
C TYR A 490 -1.37 11.68 28.31
N GLN A 491 -1.38 12.81 27.61
CA GLN A 491 -2.60 13.55 27.35
C GLN A 491 -3.13 13.14 25.98
N PHE A 492 -4.45 13.21 25.81
CA PHE A 492 -5.07 12.68 24.60
C PHE A 492 -4.52 13.33 23.34
N ASP A 493 -4.34 14.65 23.37
CA ASP A 493 -4.01 15.39 22.14
C ASP A 493 -2.56 15.20 21.71
N ASP A 494 -1.77 14.39 22.42
CA ASP A 494 -0.43 14.04 21.98
C ASP A 494 -0.39 12.77 21.14
N ILE A 495 -1.54 12.12 20.93
CA ILE A 495 -1.57 10.93 20.09
C ILE A 495 -1.22 11.31 18.65
N GLU A 496 -0.55 10.39 17.95
CA GLU A 496 -0.35 10.49 16.51
C GLU A 496 -0.86 9.23 15.83
N PHE A 497 -1.59 9.43 14.74
CA PHE A 497 -2.20 8.35 13.98
C PHE A 497 -2.47 8.85 12.57
N CYS A 498 -2.13 8.03 11.57
CA CYS A 498 -2.38 8.37 10.17
C CYS A 498 -1.80 9.72 9.81
N SER A 499 -0.68 10.08 10.44
CA SER A 499 0.03 11.34 10.24
C SER A 499 -0.77 12.56 10.67
N HIS A 500 -1.75 12.38 11.57
CA HIS A 500 -2.50 13.48 12.17
C HIS A 500 -2.53 13.31 13.68
N THR A 501 -2.88 14.39 14.37
CA THR A 501 -2.92 14.43 15.83
C THR A 501 -4.20 15.12 16.28
N PRO A 502 -4.78 14.68 17.41
CA PRO A 502 -6.09 15.22 17.81
C PRO A 502 -6.01 16.67 18.27
N ILE A 503 -6.85 17.50 17.67
CA ILE A 503 -7.11 18.87 18.10
C ILE A 503 -8.59 18.99 18.41
N GLN A 504 -8.91 19.80 19.42
CA GLN A 504 -10.26 19.89 19.94
C GLN A 504 -10.91 21.20 19.52
N VAL A 505 -12.20 21.14 19.18
CA VAL A 505 -12.97 22.32 18.83
C VAL A 505 -14.21 22.39 19.71
N ARG A 506 -14.66 23.61 19.98
CA ARG A 506 -15.85 23.86 20.80
C ARG A 506 -16.91 24.53 19.93
N TRP A 507 -18.11 23.96 19.93
CA TRP A 507 -19.16 24.39 19.02
C TRP A 507 -19.99 25.51 19.64
N SER A 508 -21.03 25.94 18.91
CA SER A 508 -21.95 26.94 19.44
C SER A 508 -22.57 26.46 20.75
N ASP A 509 -23.14 25.26 20.74
CA ASP A 509 -23.92 24.73 21.86
C ASP A 509 -23.03 24.24 23.01
N ASN A 510 -21.80 24.75 23.08
CA ASN A 510 -20.83 24.50 24.15
C ASN A 510 -20.33 23.05 24.19
N THR A 511 -20.61 22.25 23.16
CA THR A 511 -20.07 20.91 23.15
C THR A 511 -18.61 20.91 22.70
N SER A 512 -17.94 19.80 22.95
CA SER A 512 -16.57 19.57 22.48
C SER A 512 -16.56 18.38 21.51
N SER A 513 -15.56 18.38 20.64
CA SER A 513 -15.32 17.29 19.70
C SER A 513 -13.97 17.49 19.05
N TYR A 514 -13.24 16.40 18.85
CA TYR A 514 -11.87 16.46 18.33
C TYR A 514 -11.85 16.25 16.82
N MET A 515 -11.09 17.10 16.14
CA MET A 515 -10.90 17.02 14.69
C MET A 515 -9.46 16.59 14.38
N PRO A 516 -9.22 16.05 13.19
CA PRO A 516 -7.85 15.59 12.85
C PRO A 516 -6.92 16.78 12.59
N GLY A 517 -5.88 16.89 13.42
CA GLY A 517 -4.95 18.00 13.32
C GLY A 517 -3.61 17.66 12.69
N ARG A 518 -2.93 18.68 12.18
CA ARG A 518 -1.67 18.52 11.45
C ARG A 518 -0.94 19.86 11.52
N ASN A 519 0.28 19.89 10.98
CA ASN A 519 1.04 21.14 10.96
C ASN A 519 0.57 22.02 9.81
N THR A 520 0.43 23.32 10.09
CA THR A 520 -0.14 24.24 9.11
C THR A 520 0.70 24.27 7.83
N THR A 521 2.03 24.27 7.95
CA THR A 521 2.87 24.21 6.77
C THR A 521 2.62 22.93 5.98
N THR A 522 2.61 21.79 6.66
CA THR A 522 2.44 20.50 6.00
C THR A 522 1.10 20.44 5.27
N ILE A 523 0.08 21.16 5.75
CA ILE A 523 -1.20 21.19 5.06
C ILE A 523 -1.13 22.10 3.84
N LEU A 524 -0.62 23.33 4.02
CA LEU A 524 -0.49 24.24 2.89
C LEU A 524 0.37 23.66 1.79
N ALA A 525 1.41 22.90 2.16
CA ALA A 525 2.23 22.23 1.16
C ALA A 525 1.41 21.24 0.34
N LYS A 526 0.67 20.36 1.03
CA LYS A 526 -0.11 19.34 0.34
C LYS A 526 -1.32 19.91 -0.39
N MET A 527 -1.75 21.13 -0.05
CA MET A 527 -2.95 21.71 -0.65
C MET A 527 -2.68 22.45 -1.95
N ALA A 528 -1.51 23.07 -2.09
CA ALA A 528 -1.24 23.95 -3.23
C ALA A 528 -0.60 23.22 -4.42
N THR A 529 -0.31 21.93 -4.31
CA THR A 529 0.47 21.23 -5.33
C THR A 529 -0.33 20.10 -5.96
N ARG A 530 0.10 19.72 -7.17
CA ARG A 530 -0.58 18.71 -7.97
C ARG A 530 0.38 17.60 -8.39
N LEU A 531 0.20 17.07 -9.60
CA LEU A 531 1.06 16.03 -10.14
C LEU A 531 0.80 15.82 -11.63
N ASP A 532 1.28 16.74 -12.46
CA ASP A 532 1.10 16.68 -13.92
C ASP A 532 -0.37 16.51 -14.31
N THR A 539 -8.84 23.86 -14.59
CA THR A 539 -9.07 22.87 -13.55
C THR A 539 -9.52 23.54 -12.25
N ILE A 540 -10.34 24.59 -12.37
CA ILE A 540 -10.90 25.21 -11.18
C ILE A 540 -11.82 24.23 -10.45
N ALA A 541 -12.54 23.40 -11.21
CA ALA A 541 -13.41 22.40 -10.61
C ALA A 541 -12.62 21.47 -9.68
N TYR A 542 -11.44 21.04 -10.11
CA TYR A 542 -10.57 20.27 -9.23
C TYR A 542 -10.08 21.10 -8.05
N GLU A 543 -9.76 22.38 -8.30
CA GLU A 543 -9.29 23.24 -7.22
C GLU A 543 -10.34 23.43 -6.13
N LYS A 544 -11.63 23.37 -6.50
CA LYS A 544 -12.68 23.48 -5.48
C LYS A 544 -12.87 22.18 -4.72
N ALA A 545 -12.88 21.05 -5.44
CA ALA A 545 -13.02 19.75 -4.78
C ALA A 545 -11.88 19.50 -3.80
N VAL A 546 -10.70 20.05 -4.08
CA VAL A 546 -9.60 19.96 -3.13
C VAL A 546 -9.89 20.81 -1.90
N ALA A 547 -10.38 22.03 -2.12
CA ALA A 547 -10.66 22.93 -0.99
C ALA A 547 -11.79 22.40 -0.12
N PHE A 548 -12.75 21.70 -0.70
CA PHE A 548 -13.79 21.07 0.11
C PHE A 548 -13.24 19.90 0.89
N SER A 549 -12.49 19.02 0.23
CA SER A 549 -11.89 17.87 0.89
C SER A 549 -11.01 18.29 2.06
N PHE A 550 -10.34 19.43 1.94
CA PHE A 550 -9.52 19.95 3.02
C PHE A 550 -10.36 20.58 4.11
N LEU A 551 -11.52 21.14 3.76
CA LEU A 551 -12.35 21.81 4.75
C LEU A 551 -12.97 20.83 5.73
N LEU A 552 -13.33 19.64 5.26
CA LEU A 552 -13.86 18.61 6.15
C LEU A 552 -12.87 18.30 7.27
N MET A 553 -11.59 18.23 6.94
CA MET A 553 -10.57 17.82 7.91
C MET A 553 -9.98 18.99 8.69
N TYR A 554 -9.81 20.14 8.04
CA TYR A 554 -9.01 21.23 8.60
C TYR A 554 -9.81 22.50 8.81
N SER A 555 -11.13 22.37 9.03
CA SER A 555 -11.92 23.53 9.40
C SER A 555 -11.56 24.06 10.77
N TRP A 556 -10.86 23.25 11.58
CA TRP A 556 -10.33 23.71 12.87
C TRP A 556 -9.25 24.76 12.71
N ASN A 557 -8.58 24.81 11.55
CA ASN A 557 -7.50 25.75 11.33
C ASN A 557 -8.05 26.95 10.57
N PRO A 558 -8.29 28.09 11.24
CA PRO A 558 -9.00 29.20 10.56
C PRO A 558 -8.29 29.74 9.34
N LEU A 559 -6.95 29.75 9.36
CA LEU A 559 -6.20 30.13 8.17
C LEU A 559 -6.55 29.26 6.97
N ILE A 560 -6.88 27.99 7.23
CA ILE A 560 -7.18 27.06 6.15
C ILE A 560 -8.66 27.04 5.83
N ARG A 561 -9.51 27.17 6.85
CA ARG A 561 -10.94 27.30 6.62
C ARG A 561 -11.25 28.50 5.74
N ARG A 562 -10.62 29.64 6.03
CA ARG A 562 -10.89 30.85 5.27
C ARG A 562 -10.35 30.75 3.85
N ILE A 563 -9.26 30.01 3.64
CA ILE A 563 -8.80 29.75 2.28
C ILE A 563 -9.84 28.92 1.52
N CYS A 564 -10.34 27.86 2.17
CA CYS A 564 -11.26 26.95 1.50
C CYS A 564 -12.55 27.66 1.10
N LEU A 565 -13.10 28.47 2.02
CA LEU A 565 -14.28 29.26 1.69
C LEU A 565 -14.00 30.23 0.55
N LEU A 566 -12.81 30.82 0.53
CA LEU A 566 -12.49 31.80 -0.50
C LEU A 566 -12.37 31.14 -1.87
N VAL A 567 -11.97 29.87 -1.92
CA VAL A 567 -11.86 29.19 -3.21
C VAL A 567 -13.21 28.62 -3.62
N LEU A 568 -13.95 28.07 -2.67
CA LEU A 568 -15.28 27.53 -2.97
C LEU A 568 -16.22 28.62 -3.45
N SER A 569 -16.05 29.85 -2.96
CA SER A 569 -16.91 30.98 -3.36
C SER A 569 -16.55 31.54 -4.72
N THR A 570 -15.49 31.04 -5.37
CA THR A 570 -15.14 31.46 -6.71
C THR A 570 -15.83 30.57 -7.73
N GLU A 571 -16.43 31.18 -8.75
CA GLU A 571 -17.05 30.48 -9.88
C GLU A 571 -18.07 29.45 -9.38
N LEU A 572 -19.10 29.96 -8.70
CA LEU A 572 -20.16 29.09 -8.20
C LEU A 572 -20.93 28.41 -9.33
N GLN A 573 -20.75 28.84 -10.58
CA GLN A 573 -21.34 28.13 -11.70
C GLN A 573 -20.69 26.76 -11.90
N VAL A 574 -19.37 26.70 -11.72
CA VAL A 574 -18.62 25.48 -12.02
C VAL A 574 -18.89 24.44 -10.93
N LYS A 575 -19.35 23.26 -11.34
CA LYS A 575 -19.50 22.13 -10.44
C LYS A 575 -18.12 21.54 -10.10
N PRO A 576 -17.96 21.03 -8.89
CA PRO A 576 -16.63 20.59 -8.44
C PRO A 576 -16.14 19.33 -9.13
N GLY A 577 -14.83 19.11 -9.02
CA GLY A 577 -14.20 17.90 -9.53
C GLY A 577 -14.52 16.67 -8.70
N LYS A 578 -13.93 15.54 -9.11
CA LYS A 578 -14.29 14.24 -8.57
C LYS A 578 -13.10 13.31 -8.35
N SER A 579 -11.90 13.68 -8.76
CA SER A 579 -10.75 12.80 -8.68
C SER A 579 -10.05 12.85 -7.33
N THR A 580 -10.35 13.83 -6.48
CA THR A 580 -9.70 13.93 -5.18
C THR A 580 -10.42 13.05 -4.17
N THR A 581 -9.95 13.10 -2.92
CA THR A 581 -10.45 12.20 -1.89
C THR A 581 -11.96 12.32 -1.72
N TYR A 582 -12.46 13.55 -1.52
CA TYR A 582 -13.88 13.80 -1.45
C TYR A 582 -14.28 14.86 -2.47
N TYR A 583 -15.59 15.07 -2.58
CA TYR A 583 -16.16 16.20 -3.30
C TYR A 583 -17.59 16.39 -2.81
N TYR A 584 -18.25 17.44 -3.30
CA TYR A 584 -19.56 17.84 -2.79
C TYR A 584 -20.58 17.93 -3.91
N GLU A 585 -21.83 17.64 -3.55
CA GLU A 585 -22.97 17.59 -4.45
C GLU A 585 -23.98 18.64 -3.99
N GLY A 586 -23.94 19.81 -4.61
CA GLY A 586 -24.84 20.88 -4.22
C GLY A 586 -24.13 22.00 -3.48
N ASP A 587 -24.56 22.28 -2.25
CA ASP A 587 -24.01 23.40 -1.49
C ASP A 587 -23.00 22.87 -0.49
N PRO A 588 -21.73 23.32 -0.55
CA PRO A 588 -20.70 22.68 0.29
C PRO A 588 -20.94 22.86 1.78
N ILE A 589 -21.49 24.01 2.20
CA ILE A 589 -21.70 24.23 3.63
C ILE A 589 -22.79 23.33 4.18
N SER A 590 -23.68 22.81 3.33
CA SER A 590 -24.62 21.78 3.76
C SER A 590 -24.02 20.39 3.71
N ALA A 591 -23.11 20.14 2.77
CA ALA A 591 -22.41 18.86 2.74
C ALA A 591 -21.52 18.70 3.97
N TYR A 592 -20.80 19.77 4.33
CA TYR A 592 -20.04 19.79 5.56
C TYR A 592 -20.92 19.42 6.76
N LYS A 593 -22.12 19.99 6.82
CA LYS A 593 -23.04 19.69 7.91
C LYS A 593 -23.38 18.20 7.95
N GLU A 594 -23.50 17.57 6.78
CA GLU A 594 -23.96 16.19 6.71
C GLU A 594 -22.93 15.23 7.30
N VAL A 595 -21.63 15.51 7.12
CA VAL A 595 -20.58 14.58 7.53
C VAL A 595 -20.02 14.96 8.89
N ILE A 596 -19.94 16.25 9.19
CA ILE A 596 -19.36 16.70 10.46
C ILE A 596 -20.39 16.72 11.60
N GLY A 597 -21.69 16.74 11.28
CA GLY A 597 -22.70 16.86 12.31
C GLY A 597 -22.80 18.24 12.91
N HIS A 598 -22.31 19.27 12.22
CA HIS A 598 -22.32 20.65 12.70
C HIS A 598 -22.12 21.54 11.49
N ASN A 599 -22.65 22.76 11.57
CA ASN A 599 -22.44 23.72 10.50
C ASN A 599 -21.12 24.44 10.70
N LEU A 600 -20.45 24.76 9.59
CA LEU A 600 -19.15 25.42 9.68
C LEU A 600 -19.28 26.75 10.43
N PHE A 601 -20.47 27.36 10.38
CA PHE A 601 -20.74 28.52 11.22
C PHE A 601 -20.62 28.18 12.70
N ASP A 602 -20.98 26.96 13.10
CA ASP A 602 -21.02 26.62 14.52
C ASP A 602 -19.65 26.51 15.15
N LEU A 603 -18.57 26.61 14.37
CA LEU A 603 -17.21 26.45 14.90
C LEU A 603 -16.84 27.71 15.68
N LYS A 604 -16.94 27.64 17.01
CA LYS A 604 -16.83 28.81 17.86
C LYS A 604 -15.41 29.03 18.37
N ARG A 605 -14.66 27.97 18.64
CA ARG A 605 -13.32 28.12 19.19
C ARG A 605 -12.51 26.88 18.87
N THR A 606 -11.27 27.09 18.42
CA THR A 606 -10.32 26.02 18.21
C THR A 606 -9.35 25.99 19.38
N SER A 607 -8.96 24.77 19.79
CA SER A 607 -8.12 24.57 20.97
C SER A 607 -6.92 25.50 20.98
N PHE A 608 -6.69 26.13 22.13
CA PHE A 608 -5.71 27.20 22.23
C PHE A 608 -4.28 26.67 22.08
N GLU A 609 -3.90 25.70 22.91
CA GLU A 609 -2.52 25.23 22.93
C GLU A 609 -2.19 24.43 21.67
N LYS A 610 -3.09 23.52 21.27
CA LYS A 610 -2.81 22.65 20.13
C LYS A 610 -2.63 23.44 18.83
N LEU A 611 -3.37 24.53 18.66
CA LEU A 611 -3.23 25.34 17.46
C LEU A 611 -1.91 26.11 17.45
N ALA A 612 -1.29 26.33 18.61
CA ALA A 612 0.03 26.95 18.65
C ALA A 612 1.08 26.00 18.07
N LYS A 613 1.12 24.76 18.59
CA LYS A 613 2.13 23.80 18.15
C LYS A 613 2.08 23.58 16.65
N LEU A 614 0.87 23.47 16.10
CA LEU A 614 0.70 23.14 14.69
C LEU A 614 0.89 24.34 13.78
N ASN A 615 0.73 25.55 14.30
CA ASN A 615 1.02 26.76 13.54
C ASN A 615 2.49 27.15 13.64
N LEU A 616 3.24 26.57 14.58
CA LEU A 616 4.59 27.05 14.87
C LEU A 616 5.52 26.83 13.68
N SER A 617 5.37 25.70 12.99
CA SER A 617 6.21 25.41 11.83
C SER A 617 6.18 26.53 10.80
N MET A 618 5.09 27.31 10.78
CA MET A 618 5.01 28.44 9.86
C MET A 618 6.04 29.50 10.20
N SER A 619 6.20 29.81 11.49
CA SER A 619 7.10 30.88 11.87
C SER A 619 8.56 30.48 11.74
N VAL A 620 8.88 29.20 11.99
CA VAL A 620 10.27 28.76 11.88
C VAL A 620 10.72 28.75 10.43
N LEU A 621 9.85 28.31 9.52
CA LEU A 621 10.16 28.34 8.09
C LEU A 621 9.98 29.73 7.49
N GLY A 622 9.25 30.62 8.15
CA GLY A 622 8.98 31.95 7.62
C GLY A 622 8.06 31.90 6.42
N ALA A 623 6.99 31.12 6.53
CA ALA A 623 6.06 30.95 5.42
C ALA A 623 4.91 31.95 5.45
N TRP A 624 4.68 32.62 6.58
CA TRP A 624 3.68 33.67 6.67
C TRP A 624 4.30 34.89 7.32
N THR A 625 3.57 35.99 7.29
CA THR A 625 4.00 37.24 7.90
C THR A 625 3.04 37.65 9.00
N ARG A 626 3.43 38.67 9.75
CA ARG A 626 2.60 39.17 10.84
C ARG A 626 1.23 39.62 10.30
N HIS A 627 1.20 40.12 9.08
CA HIS A 627 -0.02 40.63 8.48
C HIS A 627 -0.83 39.56 7.75
N THR A 628 -0.34 38.31 7.72
CA THR A 628 -1.02 37.27 6.95
C THR A 628 -2.35 36.87 7.58
N SER A 629 -2.40 36.78 8.92
CA SER A 629 -3.61 36.33 9.59
C SER A 629 -4.79 37.26 9.33
N LYS A 630 -4.59 38.57 9.57
CA LYS A 630 -5.66 39.53 9.39
C LYS A 630 -6.00 39.76 7.92
N ARG A 631 -5.01 39.67 7.03
CA ARG A 631 -5.25 39.95 5.63
C ARG A 631 -6.19 38.93 5.01
N LEU A 632 -6.02 37.64 5.36
CA LEU A 632 -6.94 36.62 4.87
C LEU A 632 -8.36 36.87 5.35
N LEU A 633 -8.50 37.34 6.60
CA LEU A 633 -9.83 37.58 7.16
C LEU A 633 -10.51 38.76 6.48
N GLN A 634 -9.74 39.82 6.18
CA GLN A 634 -10.34 41.00 5.57
C GLN A 634 -10.85 40.69 4.17
N ASP A 635 -10.14 39.85 3.42
CA ASP A 635 -10.62 39.44 2.09
C ASP A 635 -11.96 38.75 2.18
N CYS A 636 -12.16 37.93 3.21
CA CYS A 636 -13.46 37.28 3.41
C CYS A 636 -14.53 38.30 3.77
N VAL A 637 -14.21 39.22 4.68
CA VAL A 637 -15.18 40.24 5.05
C VAL A 637 -15.42 41.20 3.89
N ASN A 638 -14.37 41.53 3.14
CA ASN A 638 -14.54 42.38 1.96
C ASN A 638 -15.38 41.71 0.89
N MET A 639 -15.57 40.40 0.96
CA MET A 639 -16.34 39.65 -0.02
C MET A 639 -17.78 39.44 0.39
N GLY A 640 -18.03 39.03 1.64
CA GLY A 640 -19.36 38.72 2.07
C GLY A 640 -20.08 39.86 2.76
N VAL A 641 -19.71 41.10 2.42
CA VAL A 641 -20.33 42.27 3.02
C VAL A 641 -21.40 42.84 2.10
N LYS A 642 -21.27 42.61 0.80
CA LYS A 642 -22.32 42.97 -0.13
C LYS A 642 -23.58 42.19 0.20
N GLU A 643 -24.73 42.87 0.12
CA GLU A 643 -26.00 42.23 0.44
C GLU A 643 -26.18 40.96 -0.38
N GLY A 644 -26.57 39.88 0.29
CA GLY A 644 -26.75 38.62 -0.36
C GLY A 644 -26.24 37.48 0.50
N ASN A 645 -26.23 36.30 -0.10
CA ASN A 645 -25.96 35.02 0.59
C ASN A 645 -24.60 34.51 0.10
N TRP A 646 -23.54 34.81 0.86
CA TRP A 646 -22.18 34.67 0.36
C TRP A 646 -21.44 33.57 1.11
N LEU A 647 -20.77 32.70 0.36
CA LEU A 647 -20.11 31.52 0.91
C LEU A 647 -19.21 31.87 2.10
N VAL A 648 -18.40 32.91 1.94
CA VAL A 648 -17.43 33.28 2.98
C VAL A 648 -18.10 33.56 4.30
N ASN A 649 -19.40 33.86 4.30
CA ASN A 649 -20.14 34.06 5.54
C ASN A 649 -20.32 32.78 6.33
N ALA A 650 -19.91 31.63 5.79
CA ALA A 650 -19.94 30.39 6.56
C ALA A 650 -18.97 30.43 7.73
N ASP A 651 -17.94 31.28 7.66
CA ASP A 651 -17.03 31.45 8.79
C ASP A 651 -17.75 32.20 9.91
N ARG A 652 -17.56 31.73 11.15
CA ARG A 652 -18.27 32.30 12.28
C ARG A 652 -17.94 33.77 12.47
N LEU A 653 -16.66 34.13 12.35
CA LEU A 653 -16.25 35.50 12.60
C LEU A 653 -16.43 36.39 11.38
N VAL A 654 -16.23 35.85 10.17
CA VAL A 654 -16.52 36.62 8.95
C VAL A 654 -17.96 37.10 8.98
N SER A 655 -18.90 36.17 9.08
CA SER A 655 -20.30 36.51 9.24
C SER A 655 -20.54 37.42 10.44
N SER A 656 -19.68 37.33 11.46
CA SER A 656 -19.89 38.12 12.67
C SER A 656 -19.66 39.60 12.42
N LYS A 657 -18.55 39.95 11.75
CA LYS A 657 -18.28 41.35 11.46
C LYS A 657 -18.81 41.80 10.11
N THR A 658 -19.35 40.90 9.30
CA THR A 658 -19.91 41.30 8.01
C THR A 658 -21.44 41.37 8.04
N GLY A 659 -22.07 41.00 9.16
CA GLY A 659 -23.50 41.22 9.32
C GLY A 659 -24.40 40.15 8.72
N ASN A 660 -24.01 39.60 7.58
CA ASN A 660 -24.83 38.59 6.91
C ASN A 660 -24.61 37.22 7.55
N ARG A 661 -25.36 36.24 7.07
CA ARG A 661 -25.12 34.84 7.34
C ARG A 661 -25.24 34.08 6.02
N TYR A 662 -24.83 32.82 6.00
CA TYR A 662 -24.99 31.99 4.82
C TYR A 662 -26.11 30.99 5.05
N ILE A 663 -27.13 31.06 4.20
CA ILE A 663 -28.26 30.12 4.21
C ILE A 663 -28.08 29.11 3.08
N PRO A 664 -27.61 27.89 3.37
CA PRO A 664 -27.32 26.93 2.30
C PRO A 664 -28.47 25.99 1.96
N GLY A 665 -28.59 25.68 0.68
CA GLY A 665 -29.51 24.65 0.22
C GLY A 665 -28.95 23.26 0.44
N GLU A 666 -29.68 22.27 -0.05
CA GLU A 666 -29.32 20.87 0.20
C GLU A 666 -27.98 20.52 -0.45
N GLY A 667 -27.11 19.88 0.32
CA GLY A 667 -25.80 19.49 -0.18
C GLY A 667 -25.34 18.20 0.47
N HIS A 668 -24.53 17.45 -0.24
CA HIS A 668 -24.10 16.13 0.23
C HIS A 668 -22.65 15.89 -0.14
N THR A 669 -22.05 14.87 0.48
CA THR A 669 -20.64 14.55 0.34
C THR A 669 -20.45 13.18 -0.30
N LEU A 670 -19.53 13.09 -1.26
CA LEU A 670 -19.24 11.86 -1.99
C LEU A 670 -17.73 11.65 -2.00
N GLN A 671 -17.26 10.69 -2.82
CA GLN A 671 -15.82 10.44 -2.93
C GLN A 671 -15.39 9.99 -4.33
C ACT B . -11.26 -2.18 19.54
O ACT B . -11.86 -3.19 19.95
OXT ACT B . -10.04 -2.10 19.83
CH3 ACT B . -11.95 -1.11 18.76
C ACT C . 6.42 -21.25 15.16
O ACT C . 6.79 -20.05 15.13
OXT ACT C . 7.16 -22.03 15.78
CH3 ACT C . 5.17 -21.72 14.47
C ACT D . -11.41 29.76 15.39
O ACT D . -11.94 30.72 14.80
OXT ACT D . -11.42 28.66 14.80
CH3 ACT D . -10.79 29.92 16.75
#